data_2UWS
#
_entry.id   2UWS
#
_cell.length_a   139.310
_cell.length_b   139.310
_cell.length_c   184.140
_cell.angle_alpha   90.00
_cell.angle_beta   90.00
_cell.angle_gamma   120.00
#
_symmetry.space_group_name_H-M   'P 31 2 1'
#
loop_
_entity.id
_entity.type
_entity.pdbx_description
1 polymer 'REACTION CENTER PROTEIN H CHAIN'
2 polymer 'REACTION CENTER PROTEIN L CHAIN'
3 polymer 'REACTION CENTER PROTEIN M CHAIN'
4 non-polymer GLYCEROL
5 non-polymer 'LAURYL DIMETHYLAMINE-N-OXIDE'
6 non-polymer 'BACTERIOCHLOROPHYLL A'
7 non-polymer 'BACTERIOPHEOPHYTIN A'
8 non-polymer UBIQUINONE-2
9 non-polymer 'PHOSPHATE ION'
10 non-polymer 'FE (III) ION'
11 non-polymer UBIQUINONE-10
12 non-polymer SPHEROIDENE
13 water water
#
loop_
_entity_poly.entity_id
_entity_poly.type
_entity_poly.pdbx_seq_one_letter_code
_entity_poly.pdbx_strand_id
1 'polypeptide(L)'
;MVGVTAFGNFDLASLAIYSFWIFLAGLIYYLQTENMREGYPLENEDGTPAANQGPFPLPKPKTFILPHGRGTLTVPGPES
EDRPIALARTAVSEGFPHAPTGDPMKDGVGPASWVARRDLPELDGHGHNKIKPMKAAAGFHVSAGKNPIGLPVRGCDLEI
AGKVVDIWVDIPEQMARFLEVELKDGSTRLLPMQMVKVQSNRVHVNALSSDLFAGIPTIKSPTEVTLLEEDKICGYVAGG
LMYAAPKRKSVVAAMLAEYA
;
H
2 'polypeptide(L)'
;ALLSFERKYRVPGGTLVGGNLFDFWVGPFYVGFFGVATFFFAALGIILIAWSAVLQGTWNPQLISVYPPALEYGLGGAPL
AKGGLWQIITICATGAFVSWALREVEICRKLGIGYHIPFAFAFAILAYLTLVLFRPVMMGAWGYAFPYGIWTHLDWVSNT
GYTYGNFHYNPAHMIAISFFFTNALALALHGALVLSAANPEKGKEMRTPDHEDTFFRDLVGYSIGTLGIHRLGLLLSLSA
VFFSALCMIITGTIWFDQWVDWWQWWVKLPWWANIPGGING
;
L
3 'polypeptide(L)'
;AEYQNIFSQVQVRGPADLGMTEDVNLANRSGVGPFSTLLGWFGNAQLGPIYLGSLGVLSLFSGLMWFFTIGIWFWYQAGW
NPAVFLRDLFFFSLEPPAPEYGLSFAAPLKEGGLWLIASFFMFVAVWSWWGRTYLRAQALGMGKHTAWAFLSAIWLWMVL
GFIRPILMGSWSEAVPYGIFSHLDWTNNFSLVHGNLFYNPFHGLSIAFLYGSALLFAMHGATILAVSRFGGERELEQIAD
RGTAAERAALFWRWTMGFNATMEGIHRWAIWMAVLVTLTGGIGILLSGTVVDNWYVWGQNHGMAPLN
;
M
#
loop_
_chem_comp.id
_chem_comp.type
_chem_comp.name
_chem_comp.formula
BCL non-polymer 'BACTERIOCHLOROPHYLL A' 'C55 H74 Mg N4 O6'
BPH non-polymer 'BACTERIOPHEOPHYTIN A' 'C55 H76 N4 O6'
FE non-polymer 'FE (III) ION' 'Fe 3'
GOL non-polymer GLYCEROL 'C3 H8 O3'
LDA non-polymer 'LAURYL DIMETHYLAMINE-N-OXIDE' 'C14 H31 N O'
PO4 non-polymer 'PHOSPHATE ION' 'O4 P -3'
SPO non-polymer SPHEROIDENE 'C41 H60 O'
U10 non-polymer UBIQUINONE-10 'C59 H90 O4'
UQ2 non-polymer UBIQUINONE-2 'C19 H26 O4'
#
# COMPACT_ATOMS: atom_id res chain seq x y z
N ASP A 11 -19.58 18.66 26.22
CA ASP A 11 -19.25 17.27 26.69
C ASP A 11 -17.96 16.66 26.09
N LEU A 12 -17.36 15.73 26.85
CA LEU A 12 -16.06 15.15 26.56
C LEU A 12 -15.89 14.54 25.16
N ALA A 13 -16.93 13.93 24.58
CA ALA A 13 -16.78 13.35 23.23
C ALA A 13 -16.73 14.45 22.17
N SER A 14 -17.54 15.47 22.37
CA SER A 14 -17.54 16.67 21.51
C SER A 14 -16.22 17.39 21.54
N LEU A 15 -15.67 17.61 22.73
CA LEU A 15 -14.34 18.17 22.83
C LEU A 15 -13.36 17.33 21.97
N ALA A 16 -13.33 16.01 22.22
CA ALA A 16 -12.40 15.10 21.57
C ALA A 16 -12.48 15.10 20.04
N ILE A 17 -13.70 15.15 19.48
CA ILE A 17 -13.81 15.08 18.03
C ILE A 17 -13.45 16.43 17.37
N TYR A 18 -13.70 17.50 18.11
CA TYR A 18 -13.39 18.83 17.63
C TYR A 18 -11.86 19.03 17.65
N SER A 19 -11.22 18.62 18.75
CA SER A 19 -9.75 18.61 18.85
C SER A 19 -9.09 17.80 17.75
N PHE A 20 -9.68 16.63 17.46
CA PHE A 20 -9.10 15.72 16.49
C PHE A 20 -9.05 16.40 15.13
N TRP A 21 -10.17 17.03 14.74
CA TRP A 21 -10.22 17.72 13.46
C TRP A 21 -9.21 18.82 13.41
N ILE A 22 -9.00 19.50 14.53
CA ILE A 22 -7.95 20.50 14.59
C ILE A 22 -6.61 19.79 14.35
N PHE A 23 -6.26 18.83 15.21
CA PHE A 23 -5.00 18.13 15.06
C PHE A 23 -4.81 17.62 13.61
N LEU A 24 -5.87 17.12 12.98
CA LEU A 24 -5.75 16.57 11.65
C LEU A 24 -5.44 17.62 10.56
N ALA A 25 -6.00 18.83 10.69
CA ALA A 25 -5.62 19.95 9.83
C ALA A 25 -4.11 20.26 10.00
N GLY A 26 -3.65 20.39 11.25
CA GLY A 26 -2.23 20.47 11.55
C GLY A 26 -1.39 19.42 10.84
N LEU A 27 -1.83 18.18 10.93
CA LEU A 27 -1.11 17.07 10.34
C LEU A 27 -1.09 17.18 8.82
N ILE A 28 -2.23 17.51 8.19
CA ILE A 28 -2.21 17.65 6.73
C ILE A 28 -1.19 18.75 6.32
N TYR A 29 -1.18 19.84 7.07
CA TYR A 29 -0.18 20.86 6.89
C TYR A 29 1.24 20.28 7.00
N TYR A 30 1.61 19.80 8.19
CA TYR A 30 2.88 19.08 8.36
C TYR A 30 3.19 18.09 7.19
N LEU A 31 2.25 17.21 6.80
CA LEU A 31 2.54 16.28 5.68
C LEU A 31 2.74 16.96 4.37
N GLN A 32 1.87 17.93 4.04
CA GLN A 32 1.99 18.62 2.76
C GLN A 32 3.32 19.35 2.61
N THR A 33 3.73 20.06 3.68
CA THR A 33 4.98 20.80 3.63
C THR A 33 6.17 19.85 3.59
N GLU A 34 6.24 18.87 4.50
CA GLU A 34 7.22 17.78 4.37
C GLU A 34 7.36 17.31 2.92
N ASN A 35 6.27 17.17 2.19
CA ASN A 35 6.37 16.68 0.81
C ASN A 35 6.75 17.74 -0.21
N MET A 36 7.06 18.92 0.30
CA MET A 36 7.48 20.02 -0.55
C MET A 36 8.99 20.24 -0.56
N ARG A 37 9.75 19.29 0.01
CA ARG A 37 11.19 19.38 0.13
C ARG A 37 11.96 19.12 -1.14
N GLU A 38 11.27 18.95 -2.29
CA GLU A 38 11.92 18.77 -3.59
C GLU A 38 11.03 19.27 -4.68
N GLY A 39 11.63 19.81 -5.73
CA GLY A 39 10.93 20.34 -6.91
C GLY A 39 10.26 21.68 -6.70
N TYR A 40 10.50 22.29 -5.53
CA TYR A 40 9.97 23.58 -5.09
C TYR A 40 11.15 24.53 -4.82
N PRO A 41 11.00 25.85 -5.03
CA PRO A 41 9.77 26.53 -5.45
C PRO A 41 9.40 26.18 -6.87
N LEU A 42 8.11 26.27 -7.17
CA LEU A 42 7.56 26.08 -8.50
C LEU A 42 8.18 27.03 -9.51
N GLU A 43 8.19 26.60 -10.76
CA GLU A 43 8.84 27.34 -11.82
C GLU A 43 7.90 27.61 -13.00
N ASN A 44 8.28 28.58 -13.82
CA ASN A 44 7.60 28.80 -15.07
C ASN A 44 8.28 27.91 -16.04
N GLU A 45 7.68 27.76 -17.22
CA GLU A 45 8.28 26.91 -18.22
C GLU A 45 9.68 27.36 -18.64
N ASP A 46 10.04 28.62 -18.34
CA ASP A 46 11.38 29.19 -18.62
C ASP A 46 12.43 29.02 -17.49
N GLY A 47 12.03 28.47 -16.34
CA GLY A 47 12.99 28.21 -15.28
C GLY A 47 12.92 29.14 -14.09
N THR A 48 12.15 30.19 -14.23
CA THR A 48 12.14 31.27 -13.24
C THR A 48 11.05 31.03 -12.20
N PRO A 49 11.21 31.57 -10.99
CA PRO A 49 10.20 31.35 -9.92
C PRO A 49 8.78 31.74 -10.32
N ALA A 50 7.87 30.79 -10.54
CA ALA A 50 6.47 31.09 -10.78
C ALA A 50 5.92 32.04 -9.73
N ALA A 51 4.97 32.86 -10.15
CA ALA A 51 4.40 33.87 -9.28
C ALA A 51 3.65 33.17 -8.14
N ASN A 52 2.66 32.35 -8.49
CA ASN A 52 1.84 31.68 -7.49
C ASN A 52 2.42 30.32 -6.95
N GLN A 53 2.86 30.35 -5.69
CA GLN A 53 3.35 29.15 -5.03
C GLN A 53 2.27 28.32 -4.27
N GLY A 54 1.05 28.86 -4.09
CA GLY A 54 0.03 28.24 -3.26
C GLY A 54 0.19 28.48 -1.74
N PRO A 55 -0.77 27.99 -0.95
CA PRO A 55 -0.82 28.35 0.49
C PRO A 55 0.25 27.70 1.37
N PHE A 56 0.97 26.71 0.86
CA PHE A 56 1.94 26.03 1.72
C PHE A 56 3.34 26.64 1.53
N PRO A 57 3.96 27.06 2.63
CA PRO A 57 5.33 27.58 2.63
C PRO A 57 6.34 26.42 2.63
N LEU A 58 7.59 26.63 2.21
CA LEU A 58 8.57 25.54 2.23
C LEU A 58 8.86 25.26 3.68
N PRO A 59 9.17 24.02 4.03
CA PRO A 59 9.50 23.71 5.42
C PRO A 59 10.88 24.27 5.75
N LYS A 60 11.21 24.35 7.03
CA LYS A 60 12.59 24.55 7.45
C LYS A 60 13.49 23.41 6.93
N PRO A 61 14.70 23.72 6.46
CA PRO A 61 15.59 22.71 5.88
C PRO A 61 15.87 21.55 6.82
N LYS A 62 16.32 20.42 6.25
CA LYS A 62 16.70 19.29 7.08
C LYS A 62 17.92 18.67 6.42
N THR A 63 18.76 18.09 7.26
CA THR A 63 20.03 17.59 6.77
C THR A 63 20.24 16.11 7.04
N PHE A 64 20.33 15.39 5.93
CA PHE A 64 20.59 13.97 5.94
C PHE A 64 22.06 13.81 5.92
N ILE A 65 22.60 13.07 6.89
CA ILE A 65 24.01 12.65 6.81
C ILE A 65 24.21 11.36 5.97
N LEU A 66 24.84 11.52 4.82
CA LEU A 66 25.11 10.40 3.94
C LEU A 66 26.28 9.61 4.50
N PRO A 67 26.23 8.28 4.42
CA PRO A 67 27.31 7.49 5.01
C PRO A 67 28.51 7.42 4.08
N HIS A 68 29.61 6.91 4.59
CA HIS A 68 30.81 6.58 3.79
C HIS A 68 31.45 7.84 3.23
N GLY A 69 31.43 8.88 4.08
CA GLY A 69 31.83 10.23 3.73
C GLY A 69 31.27 10.84 2.45
N ARG A 70 30.05 10.52 2.06
CA ARG A 70 29.57 11.03 0.76
C ARG A 70 28.92 12.40 0.94
N GLY A 71 28.98 12.91 2.17
CA GLY A 71 28.52 14.25 2.44
C GLY A 71 27.16 14.34 3.12
N THR A 72 26.40 15.36 2.73
CA THR A 72 25.06 15.48 3.24
C THR A 72 24.15 15.88 2.10
N LEU A 73 22.83 15.75 2.34
CA LEU A 73 21.87 16.42 1.51
C LEU A 73 21.06 17.28 2.43
N THR A 74 20.70 18.47 1.92
CA THR A 74 19.98 19.47 2.68
C THR A 74 18.84 19.95 1.80
N VAL A 75 17.62 19.76 2.28
CA VAL A 75 16.42 19.99 1.50
C VAL A 75 15.42 20.60 2.47
N PRO A 76 14.64 21.58 1.99
CA PRO A 76 14.80 22.13 0.64
C PRO A 76 16.12 22.86 0.40
N GLY A 77 16.54 22.89 -0.87
CA GLY A 77 17.67 23.69 -1.31
C GLY A 77 17.56 24.12 -2.78
N PRO A 78 18.56 24.86 -3.26
CA PRO A 78 18.49 25.38 -4.62
C PRO A 78 18.32 24.22 -5.58
N GLU A 79 17.34 24.33 -6.47
CA GLU A 79 17.00 23.26 -7.39
C GLU A 79 17.55 23.54 -8.78
N SER A 80 18.59 22.84 -9.21
CA SER A 80 18.80 22.83 -10.64
C SER A 80 18.94 21.45 -11.33
N GLU A 81 18.49 21.42 -12.59
CA GLU A 81 18.65 20.26 -13.45
C GLU A 81 20.10 19.77 -13.55
N ASP A 82 21.05 20.72 -13.71
CA ASP A 82 22.49 20.45 -13.88
C ASP A 82 22.78 19.71 -15.15
N ARG A 83 21.99 20.01 -16.18
CA ARG A 83 22.15 19.43 -17.52
C ARG A 83 21.30 20.27 -18.49
N PRO A 84 21.74 20.37 -19.75
CA PRO A 84 20.88 20.98 -20.80
C PRO A 84 19.57 20.21 -21.03
N ILE A 85 18.50 20.89 -21.44
CA ILE A 85 17.26 20.20 -21.72
C ILE A 85 16.94 20.49 -23.15
N ALA A 86 17.33 19.62 -24.07
CA ALA A 86 17.00 19.76 -25.50
C ALA A 86 15.50 19.77 -25.89
N LEU A 87 14.71 20.66 -25.27
CA LEU A 87 13.29 20.85 -25.62
C LEU A 87 12.99 22.29 -26.04
N ALA A 88 11.98 22.51 -26.88
CA ALA A 88 11.50 23.90 -27.10
C ALA A 88 9.95 24.04 -27.13
N ARG A 89 9.43 25.20 -26.71
CA ARG A 89 7.97 25.46 -26.69
C ARG A 89 7.33 25.18 -28.01
N THR A 90 6.04 24.86 -28.01
CA THR A 90 5.33 24.59 -29.27
C THR A 90 4.10 25.47 -29.39
N ALA A 91 4.00 26.44 -28.47
CA ALA A 91 2.84 27.28 -28.34
C ALA A 91 3.24 28.60 -27.67
N VAL A 92 2.41 29.63 -27.89
CA VAL A 92 2.67 30.95 -27.31
C VAL A 92 2.20 31.15 -25.86
N SER A 93 1.58 30.14 -25.26
CA SER A 93 1.08 30.31 -23.89
C SER A 93 1.42 29.10 -23.00
N GLU A 94 1.29 29.27 -21.66
CA GLU A 94 1.54 28.20 -20.65
C GLU A 94 0.82 26.91 -21.03
N GLY A 95 1.40 25.74 -20.69
CA GLY A 95 0.65 24.49 -20.61
C GLY A 95 0.67 23.51 -21.79
N PHE A 96 1.53 23.75 -22.77
CA PHE A 96 1.62 22.82 -23.88
C PHE A 96 2.87 21.95 -23.83
N PRO A 97 2.85 20.93 -24.67
CA PRO A 97 4.00 20.03 -24.85
C PRO A 97 5.24 20.78 -25.39
N HIS A 98 6.42 20.30 -25.00
CA HIS A 98 7.67 20.89 -25.45
C HIS A 98 8.37 19.93 -26.38
N ALA A 99 8.45 20.33 -27.64
CA ALA A 99 8.96 19.46 -28.69
C ALA A 99 10.47 19.23 -28.52
N PRO A 100 10.90 17.98 -28.63
CA PRO A 100 12.33 17.65 -28.66
C PRO A 100 13.05 18.36 -29.82
N THR A 101 14.21 18.99 -29.56
CA THR A 101 14.89 19.77 -30.60
C THR A 101 15.86 18.93 -31.36
N GLY A 102 16.30 17.82 -30.77
CA GLY A 102 17.16 16.84 -31.44
C GLY A 102 16.53 15.47 -31.40
N ASP A 103 17.38 14.45 -31.21
CA ASP A 103 16.90 13.09 -30.99
C ASP A 103 16.59 12.86 -29.49
N PRO A 104 15.32 12.62 -29.13
CA PRO A 104 14.92 12.60 -27.71
C PRO A 104 15.58 11.44 -26.88
N MET A 105 15.77 10.31 -27.56
CA MET A 105 16.52 9.16 -27.05
C MET A 105 17.91 9.62 -26.64
N LYS A 106 18.67 10.12 -27.62
CA LYS A 106 20.04 10.65 -27.42
C LYS A 106 20.11 11.81 -26.43
N ASP A 107 19.16 12.71 -26.53
CA ASP A 107 19.13 13.86 -25.64
C ASP A 107 18.61 13.62 -24.23
N GLY A 108 17.99 12.46 -24.00
CA GLY A 108 17.56 12.13 -22.66
C GLY A 108 16.42 13.00 -22.20
N VAL A 109 15.45 13.25 -23.08
CA VAL A 109 14.24 13.99 -22.69
C VAL A 109 13.01 13.11 -22.81
N GLY A 110 11.90 13.56 -22.25
CA GLY A 110 10.68 12.79 -22.37
C GLY A 110 10.76 11.52 -21.57
N PRO A 111 10.13 10.47 -22.07
CA PRO A 111 10.31 9.17 -21.45
C PRO A 111 11.77 8.69 -21.54
N ALA A 112 12.64 9.42 -22.24
CA ALA A 112 14.06 9.10 -22.15
C ALA A 112 14.80 9.85 -21.05
N SER A 113 14.11 10.68 -20.30
CA SER A 113 14.78 11.58 -19.37
C SER A 113 15.63 10.80 -18.39
N TRP A 114 16.81 11.32 -18.06
CA TRP A 114 17.53 10.85 -16.90
C TRP A 114 17.74 12.00 -15.95
N VAL A 115 18.03 11.73 -14.69
CA VAL A 115 18.36 12.79 -13.74
C VAL A 115 19.85 12.79 -13.59
N ALA A 116 20.40 13.88 -13.13
CA ALA A 116 21.86 13.98 -12.94
C ALA A 116 22.14 13.67 -11.49
N ARG A 117 22.06 12.39 -11.13
CA ARG A 117 22.51 11.98 -9.80
C ARG A 117 24.05 11.84 -9.75
N ARG A 118 24.57 11.59 -8.54
CA ARG A 118 25.99 11.41 -8.27
C ARG A 118 26.59 10.38 -9.21
N ASP A 119 27.80 10.64 -9.67
CA ASP A 119 28.45 9.79 -10.63
C ASP A 119 29.36 8.92 -9.78
N LEU A 120 28.76 8.32 -8.78
CA LEU A 120 29.33 7.17 -8.11
C LEU A 120 28.26 6.05 -8.03
N PRO A 121 28.67 4.88 -7.57
CA PRO A 121 27.76 3.75 -7.46
C PRO A 121 27.14 3.81 -6.09
N GLU A 122 25.86 3.47 -5.97
CA GLU A 122 25.24 3.22 -4.66
C GLU A 122 26.05 2.17 -3.91
N LEU A 123 26.31 2.43 -2.63
CA LEU A 123 27.16 1.53 -1.85
C LEU A 123 26.35 0.81 -0.80
N ASP A 124 26.62 -0.48 -0.59
CA ASP A 124 25.98 -1.20 0.52
C ASP A 124 26.34 -0.70 1.91
N GLY A 125 25.85 -1.41 2.90
CA GLY A 125 25.90 -0.90 4.26
C GLY A 125 27.29 -1.05 4.80
N HIS A 126 28.09 -1.79 4.06
CA HIS A 126 29.49 -1.97 4.40
C HIS A 126 30.43 -1.07 3.59
N GLY A 127 29.88 -0.17 2.78
CA GLY A 127 30.71 0.66 1.96
C GLY A 127 31.17 -0.01 0.67
N HIS A 128 30.66 -1.21 0.35
CA HIS A 128 31.06 -1.86 -0.92
C HIS A 128 30.05 -1.55 -1.99
N ASN A 129 30.48 -1.59 -3.25
CA ASN A 129 29.54 -1.42 -4.34
C ASN A 129 28.27 -2.31 -4.24
N LYS A 130 27.08 -1.71 -4.20
CA LYS A 130 25.81 -2.47 -4.18
C LYS A 130 25.62 -3.44 -5.32
N ILE A 131 26.05 -3.09 -6.52
CA ILE A 131 25.69 -3.88 -7.68
C ILE A 131 26.96 -4.31 -8.41
N LYS A 132 27.24 -5.61 -8.46
CA LYS A 132 28.40 -6.08 -9.21
C LYS A 132 27.88 -6.91 -10.36
N PRO A 133 28.70 -7.11 -11.39
CA PRO A 133 28.45 -8.20 -12.33
C PRO A 133 28.51 -9.50 -11.50
N MET A 134 27.82 -10.57 -11.91
CA MET A 134 27.77 -11.75 -11.04
C MET A 134 29.15 -12.39 -11.01
N LYS A 135 29.79 -12.34 -12.19
CA LYS A 135 31.12 -12.89 -12.38
C LYS A 135 32.08 -12.42 -11.30
N ALA A 136 31.79 -11.27 -10.67
CA ALA A 136 32.71 -10.68 -9.71
C ALA A 136 32.15 -10.59 -8.30
N ALA A 137 31.07 -11.32 -8.05
CA ALA A 137 30.46 -11.35 -6.72
C ALA A 137 30.48 -12.76 -6.16
N ALA A 138 31.13 -12.92 -5.03
CA ALA A 138 31.46 -14.26 -4.56
C ALA A 138 30.46 -14.74 -3.50
N GLY A 139 29.93 -15.96 -3.64
CA GLY A 139 29.82 -16.64 -4.90
C GLY A 139 28.31 -16.64 -5.17
N PHE A 140 27.91 -15.68 -6.02
CA PHE A 140 26.51 -15.50 -6.37
C PHE A 140 26.27 -16.33 -7.60
N HIS A 141 25.08 -16.95 -7.70
CA HIS A 141 24.68 -17.78 -8.85
C HIS A 141 23.16 -17.64 -8.98
N VAL A 142 22.67 -17.88 -10.21
CA VAL A 142 21.24 -18.08 -10.44
C VAL A 142 20.77 -19.20 -9.54
N SER A 143 19.70 -18.97 -8.79
CA SER A 143 19.22 -19.98 -7.87
C SER A 143 17.87 -20.61 -8.27
N ALA A 144 17.23 -20.09 -9.31
CA ALA A 144 15.89 -20.55 -9.69
C ALA A 144 15.45 -19.79 -10.93
N GLY A 145 14.56 -20.39 -11.73
CA GLY A 145 14.12 -19.75 -12.97
C GLY A 145 15.13 -19.91 -14.06
N LYS A 146 14.77 -19.66 -15.30
CA LYS A 146 15.71 -19.87 -16.41
C LYS A 146 16.93 -18.94 -16.31
N ASN A 147 18.13 -19.50 -16.37
CA ASN A 147 19.34 -18.68 -16.43
C ASN A 147 19.49 -17.99 -17.81
N PRO A 148 19.47 -16.65 -17.84
CA PRO A 148 19.50 -15.90 -19.11
C PRO A 148 20.90 -15.87 -19.72
N ILE A 149 21.96 -16.09 -18.93
CA ILE A 149 23.30 -15.89 -19.45
C ILE A 149 23.48 -16.84 -20.61
N GLY A 150 23.85 -16.32 -21.77
CA GLY A 150 24.05 -17.16 -22.93
C GLY A 150 22.97 -16.99 -23.94
N LEU A 151 21.79 -16.54 -23.52
CA LEU A 151 20.68 -16.27 -24.46
C LEU A 151 20.88 -15.09 -25.42
N PRO A 152 20.46 -15.25 -26.67
CA PRO A 152 20.40 -14.13 -27.62
C PRO A 152 19.39 -13.11 -27.13
N VAL A 153 19.68 -11.83 -27.37
CA VAL A 153 18.76 -10.75 -27.06
C VAL A 153 18.06 -10.22 -28.31
N ARG A 154 16.74 -10.20 -28.26
CA ARG A 154 15.90 -9.76 -29.37
C ARG A 154 15.22 -8.42 -29.09
N GLY A 155 15.27 -7.54 -30.09
CA GLY A 155 14.66 -6.22 -29.99
C GLY A 155 13.32 -6.29 -30.64
N CYS A 156 12.56 -5.22 -30.46
CA CYS A 156 11.15 -5.20 -30.88
C CYS A 156 10.95 -5.19 -32.39
N ASP A 157 12.02 -5.07 -33.14
CA ASP A 157 11.91 -5.28 -34.57
C ASP A 157 12.04 -6.79 -34.91
N LEU A 158 12.05 -7.62 -33.86
CA LEU A 158 12.33 -9.07 -33.96
C LEU A 158 13.68 -9.40 -34.60
N GLU A 159 14.68 -8.54 -34.44
CA GLU A 159 16.08 -8.81 -34.86
C GLU A 159 17.01 -9.09 -33.67
N ILE A 160 18.06 -9.88 -33.87
CA ILE A 160 18.96 -10.15 -32.74
C ILE A 160 19.84 -8.92 -32.51
N ALA A 161 19.99 -8.50 -31.27
CA ALA A 161 20.84 -7.34 -31.02
C ALA A 161 22.12 -7.66 -30.26
N GLY A 162 22.28 -8.90 -29.81
CA GLY A 162 23.44 -9.22 -29.00
C GLY A 162 23.21 -10.49 -28.20
N LYS A 163 23.86 -10.59 -27.05
CA LYS A 163 23.74 -11.79 -26.24
C LYS A 163 24.09 -11.56 -24.77
N VAL A 164 23.50 -12.34 -23.88
CA VAL A 164 23.65 -12.05 -22.47
C VAL A 164 24.95 -12.66 -21.97
N VAL A 165 25.78 -11.86 -21.33
CA VAL A 165 27.10 -12.33 -20.96
C VAL A 165 27.25 -12.37 -19.43
N ASP A 166 26.32 -11.72 -18.72
CA ASP A 166 26.33 -11.82 -17.29
C ASP A 166 25.04 -11.21 -16.73
N ILE A 167 24.89 -11.25 -15.42
CA ILE A 167 23.77 -10.66 -14.73
C ILE A 167 24.39 -9.75 -13.67
N TRP A 168 23.97 -8.50 -13.61
CA TRP A 168 24.49 -7.63 -12.57
C TRP A 168 23.54 -7.75 -11.40
N VAL A 169 24.06 -7.91 -10.20
CA VAL A 169 23.23 -8.35 -9.13
C VAL A 169 23.39 -7.41 -7.97
N ASP A 170 22.37 -7.32 -7.15
CA ASP A 170 22.38 -6.47 -6.00
C ASP A 170 22.86 -7.38 -4.88
N ILE A 171 24.03 -7.11 -4.30
CA ILE A 171 24.59 -8.02 -3.29
C ILE A 171 23.76 -8.04 -2.02
N PRO A 172 23.52 -6.90 -1.41
CA PRO A 172 22.83 -6.94 -0.10
C PRO A 172 21.37 -7.46 -0.22
N GLU A 173 20.74 -7.34 -1.38
CA GLU A 173 19.35 -7.75 -1.51
C GLU A 173 19.24 -9.01 -2.40
N GLN A 174 20.38 -9.49 -2.89
CA GLN A 174 20.41 -10.76 -3.60
C GLN A 174 19.31 -10.74 -4.64
N MET A 175 19.43 -9.85 -5.62
CA MET A 175 18.52 -9.89 -6.73
C MET A 175 19.09 -9.37 -8.02
N ALA A 176 18.52 -9.81 -9.13
CA ALA A 176 18.99 -9.41 -10.46
C ALA A 176 18.59 -7.98 -10.75
N ARG A 177 19.52 -7.18 -11.24
CA ARG A 177 19.21 -5.81 -11.55
C ARG A 177 19.39 -5.48 -13.03
N PHE A 178 20.45 -6.00 -13.66
CA PHE A 178 20.63 -5.80 -15.11
C PHE A 178 21.07 -7.08 -15.79
N LEU A 179 20.82 -7.13 -17.10
CA LEU A 179 21.48 -8.06 -18.00
C LEU A 179 22.61 -7.34 -18.78
N GLU A 180 23.86 -7.74 -18.56
CA GLU A 180 24.94 -7.28 -19.41
C GLU A 180 24.86 -7.97 -20.76
N VAL A 181 24.75 -7.19 -21.83
CA VAL A 181 24.52 -7.69 -23.20
C VAL A 181 25.67 -7.31 -24.17
N GLU A 182 26.18 -8.27 -24.94
CA GLU A 182 27.30 -8.02 -25.86
C GLU A 182 26.82 -7.73 -27.27
N LEU A 183 27.29 -6.63 -27.85
CA LEU A 183 26.80 -6.20 -29.16
C LEU A 183 27.71 -6.70 -30.27
N LYS A 184 27.22 -6.66 -31.51
CA LYS A 184 27.99 -7.10 -32.69
C LYS A 184 29.48 -6.74 -32.60
N ASP A 185 29.80 -5.56 -32.06
CA ASP A 185 31.16 -5.05 -32.00
C ASP A 185 31.98 -5.44 -30.77
N GLY A 186 31.47 -6.38 -29.98
CA GLY A 186 32.17 -6.82 -28.78
C GLY A 186 32.04 -6.03 -27.50
N SER A 187 31.48 -4.83 -27.54
CA SER A 187 31.23 -4.07 -26.28
C SER A 187 29.92 -4.54 -25.59
N THR A 188 29.75 -4.23 -24.30
CA THR A 188 28.53 -4.57 -23.62
C THR A 188 27.61 -3.37 -23.39
N ARG A 189 26.34 -3.66 -23.07
CA ARG A 189 25.43 -2.68 -22.47
C ARG A 189 24.72 -3.29 -21.27
N LEU A 190 24.32 -2.46 -20.31
CA LEU A 190 23.35 -2.87 -19.29
C LEU A 190 21.91 -2.69 -19.78
N LEU A 191 21.06 -3.69 -19.60
CA LEU A 191 19.62 -3.57 -19.87
C LEU A 191 19.01 -3.82 -18.52
N PRO A 192 18.12 -2.96 -18.04
CA PRO A 192 17.39 -3.26 -16.76
C PRO A 192 16.64 -4.64 -16.76
N MET A 193 16.78 -5.38 -15.65
CA MET A 193 16.01 -6.62 -15.44
C MET A 193 14.52 -6.41 -15.72
N GLN A 194 13.96 -5.29 -15.25
CA GLN A 194 12.54 -5.03 -15.36
C GLN A 194 12.05 -4.73 -16.79
N MET A 195 12.91 -4.79 -17.79
CA MET A 195 12.52 -4.34 -19.14
C MET A 195 12.76 -5.39 -20.20
N VAL A 196 13.09 -6.59 -19.71
CA VAL A 196 13.38 -7.74 -20.54
C VAL A 196 12.46 -8.90 -20.16
N LYS A 197 12.15 -9.73 -21.15
CA LYS A 197 11.41 -10.96 -20.93
C LYS A 197 12.36 -12.13 -21.18
N VAL A 198 12.78 -12.81 -20.11
CA VAL A 198 13.53 -14.05 -20.26
C VAL A 198 12.57 -15.13 -20.72
N GLN A 199 12.68 -15.52 -21.98
CA GLN A 199 11.97 -16.66 -22.49
C GLN A 199 13.00 -17.81 -22.55
N SER A 200 12.68 -18.91 -23.21
CA SER A 200 13.57 -20.08 -23.08
C SER A 200 14.67 -20.20 -24.13
N ASN A 201 14.43 -19.62 -25.30
CA ASN A 201 15.41 -19.63 -26.38
C ASN A 201 15.90 -18.20 -26.66
N ARG A 202 15.44 -17.26 -25.84
CA ARG A 202 15.76 -15.85 -26.07
C ARG A 202 15.44 -14.97 -24.87
N VAL A 203 16.04 -13.77 -24.84
CA VAL A 203 15.58 -12.69 -23.98
C VAL A 203 14.91 -11.68 -24.89
N HIS A 204 13.68 -11.26 -24.58
CA HIS A 204 12.99 -10.27 -25.39
C HIS A 204 12.95 -8.85 -24.79
N VAL A 205 13.36 -7.90 -25.64
CA VAL A 205 13.41 -6.50 -25.25
C VAL A 205 12.48 -5.71 -26.13
N ASN A 206 11.32 -5.44 -25.58
CA ASN A 206 10.28 -4.74 -26.30
C ASN A 206 10.52 -3.23 -26.44
N ALA A 207 10.98 -2.57 -25.37
CA ALA A 207 11.33 -1.14 -25.49
C ALA A 207 12.19 -0.72 -26.71
N LEU A 208 13.19 -1.52 -27.11
CA LEU A 208 14.11 -1.12 -28.19
C LEU A 208 14.14 -2.06 -29.34
N SER A 209 14.19 -1.48 -30.53
CA SER A 209 14.54 -2.22 -31.74
C SER A 209 16.05 -2.50 -31.70
N SER A 210 16.51 -3.41 -32.53
CA SER A 210 17.87 -3.94 -32.43
C SER A 210 18.90 -2.86 -32.65
N ASP A 211 18.72 -2.10 -33.74
CA ASP A 211 19.55 -0.94 -34.07
C ASP A 211 19.66 0.15 -32.99
N LEU A 212 18.84 0.11 -31.95
CA LEU A 212 18.89 1.16 -30.91
C LEU A 212 19.77 0.78 -29.77
N PHE A 213 20.35 -0.41 -29.86
CA PHE A 213 21.13 -0.95 -28.75
C PHE A 213 22.47 -0.29 -28.58
N ALA A 214 23.15 -0.01 -29.71
CA ALA A 214 24.45 0.66 -29.68
C ALA A 214 24.34 2.01 -28.95
N GLY A 215 23.17 2.66 -29.14
CA GLY A 215 22.81 3.91 -28.52
C GLY A 215 22.58 3.91 -27.00
N ILE A 216 22.33 2.76 -26.39
CA ILE A 216 22.26 2.73 -24.93
C ILE A 216 23.54 3.38 -24.38
N PRO A 217 23.40 4.36 -23.46
CA PRO A 217 24.53 4.86 -22.66
C PRO A 217 25.49 3.78 -22.21
N THR A 218 26.78 3.91 -22.51
CA THR A 218 27.80 3.00 -21.95
C THR A 218 28.16 3.35 -20.53
N ILE A 219 29.03 2.55 -19.90
CA ILE A 219 29.52 2.85 -18.54
C ILE A 219 31.05 2.92 -18.51
N LYS A 220 31.60 3.59 -17.50
CA LYS A 220 33.02 3.96 -17.58
C LYS A 220 34.00 2.89 -17.07
N SER A 221 33.80 2.31 -15.89
CA SER A 221 34.57 1.11 -15.46
C SER A 221 33.68 -0.10 -15.69
N PRO A 222 34.17 -1.18 -16.32
CA PRO A 222 33.27 -2.30 -16.69
C PRO A 222 32.86 -3.17 -15.53
N THR A 223 33.29 -2.92 -14.29
CA THR A 223 32.75 -3.71 -13.16
C THR A 223 32.00 -2.91 -12.12
N GLU A 224 31.54 -1.72 -12.49
CA GLU A 224 30.67 -0.97 -11.61
C GLU A 224 29.75 -0.06 -12.39
N VAL A 225 28.70 0.41 -11.73
CA VAL A 225 27.85 1.38 -12.36
C VAL A 225 27.48 2.52 -11.43
N THR A 226 27.43 3.72 -11.96
CA THR A 226 27.08 4.85 -11.10
C THR A 226 25.60 5.23 -11.22
N LEU A 227 25.07 5.77 -10.13
CA LEU A 227 23.75 6.34 -10.12
C LEU A 227 23.49 7.18 -11.39
N LEU A 228 24.42 8.06 -11.73
CA LEU A 228 24.31 8.76 -12.98
C LEU A 228 24.15 7.82 -14.20
N GLU A 229 25.00 6.81 -14.28
CA GLU A 229 24.94 5.87 -15.41
C GLU A 229 23.64 5.06 -15.49
N GLU A 230 23.22 4.56 -14.33
CA GLU A 230 21.96 3.81 -14.13
C GLU A 230 20.81 4.61 -14.69
N ASP A 231 20.67 5.87 -14.22
CA ASP A 231 19.60 6.76 -14.71
C ASP A 231 19.61 6.96 -16.21
N LYS A 232 20.79 7.07 -16.79
CA LYS A 232 20.86 7.27 -18.22
C LYS A 232 20.44 5.99 -19.00
N ILE A 233 20.78 4.82 -18.44
CA ILE A 233 20.47 3.52 -19.06
C ILE A 233 18.95 3.27 -18.94
N CYS A 234 18.45 3.44 -17.74
CA CYS A 234 17.06 3.22 -17.49
C CYS A 234 16.21 4.16 -18.30
N GLY A 235 16.53 5.47 -18.24
CA GLY A 235 15.88 6.48 -19.05
C GLY A 235 15.84 6.09 -20.51
N TYR A 236 17.00 5.83 -21.07
CA TYR A 236 17.12 5.52 -22.48
C TYR A 236 16.23 4.34 -22.87
N VAL A 237 16.25 3.28 -22.06
CA VAL A 237 15.51 2.07 -22.39
C VAL A 237 13.98 2.31 -22.29
N ALA A 238 13.51 2.87 -21.19
CA ALA A 238 12.10 3.26 -21.12
C ALA A 238 11.63 4.15 -22.31
N GLY A 239 12.46 5.13 -22.72
CA GLY A 239 12.11 6.09 -23.75
C GLY A 239 11.85 5.37 -25.05
N GLY A 240 12.41 4.17 -25.14
CA GLY A 240 12.22 3.37 -26.32
C GLY A 240 10.75 3.05 -26.60
N LEU A 241 9.97 2.81 -25.55
CA LEU A 241 8.58 2.47 -25.73
C LEU A 241 7.88 3.56 -26.53
N MET A 242 8.04 4.82 -26.12
CA MET A 242 7.50 5.88 -27.00
C MET A 242 8.27 6.04 -28.30
N TYR A 243 9.60 6.08 -28.23
CA TYR A 243 10.35 6.55 -29.38
C TYR A 243 10.73 5.49 -30.40
N ALA A 244 10.60 4.20 -30.04
CA ALA A 244 10.87 3.11 -30.98
C ALA A 244 9.61 2.64 -31.68
N ALA A 245 8.44 3.14 -31.26
CA ALA A 245 7.14 2.65 -31.76
C ALA A 245 7.00 2.51 -33.31
N PRO A 246 7.52 3.47 -34.10
CA PRO A 246 7.72 3.25 -35.54
C PRO A 246 8.23 1.84 -35.92
N LYS A 247 9.31 1.34 -35.31
CA LYS A 247 9.89 0.03 -35.68
C LYS A 247 9.32 -1.23 -34.97
N ARG A 248 8.09 -1.14 -34.44
CA ARG A 248 7.43 -2.19 -33.63
C ARG A 248 5.90 -2.22 -33.93
N LYS A 249 5.17 -3.36 -33.85
CA LYS A 249 5.58 -4.80 -34.06
C LYS A 249 5.59 -5.86 -32.90
N SER A 250 4.42 -6.45 -32.67
CA SER A 250 4.23 -7.74 -31.94
C SER A 250 2.73 -8.21 -32.01
N VAL A 251 2.11 -8.83 -31.12
N ALA B 1 3.87 26.96 -11.75
CA ALA B 1 3.01 25.93 -12.40
C ALA B 1 3.80 24.66 -12.80
N LEU B 2 5.14 24.72 -12.74
CA LEU B 2 5.97 23.53 -12.97
C LEU B 2 6.87 23.23 -11.77
N LEU B 3 6.96 21.94 -11.41
CA LEU B 3 7.99 21.44 -10.51
C LEU B 3 9.37 21.73 -11.14
N SER B 4 10.38 21.89 -10.29
CA SER B 4 11.67 22.28 -10.82
C SER B 4 12.24 21.27 -11.82
N PHE B 5 11.88 19.99 -11.70
CA PHE B 5 12.37 19.00 -12.65
C PHE B 5 11.39 18.64 -13.80
N GLU B 6 10.24 19.29 -13.81
CA GLU B 6 9.14 18.86 -14.67
C GLU B 6 9.33 18.99 -16.19
N ARG B 7 9.92 20.11 -16.64
CA ARG B 7 9.86 20.42 -18.06
C ARG B 7 10.32 19.29 -18.99
N LYS B 8 11.43 18.61 -18.65
CA LYS B 8 11.97 17.57 -19.53
C LYS B 8 10.94 16.49 -19.83
N TYR B 9 9.94 16.34 -18.96
CA TYR B 9 8.94 15.30 -19.14
C TYR B 9 7.72 15.78 -19.94
N ARG B 10 7.40 17.08 -19.88
CA ARG B 10 6.26 17.58 -20.65
C ARG B 10 6.48 17.57 -22.16
N VAL B 11 6.84 16.42 -22.73
CA VAL B 11 6.91 16.28 -24.19
C VAL B 11 5.56 15.89 -24.77
N PRO B 12 5.34 16.05 -26.09
CA PRO B 12 4.15 15.46 -26.74
C PRO B 12 4.16 13.93 -26.72
N GLY B 13 2.97 13.34 -26.75
CA GLY B 13 2.85 11.92 -27.00
C GLY B 13 2.20 11.13 -25.88
N GLY B 14 1.71 9.95 -26.26
CA GLY B 14 1.19 8.98 -25.31
C GLY B 14 -0.30 8.89 -25.33
N THR B 15 -0.96 9.87 -25.90
CA THR B 15 -2.41 9.87 -25.93
C THR B 15 -3.01 8.58 -26.53
N LEU B 16 -4.23 8.23 -26.11
CA LEU B 16 -4.90 7.03 -26.60
C LEU B 16 -5.88 7.33 -27.74
N VAL B 17 -6.43 8.53 -27.73
CA VAL B 17 -7.42 8.96 -28.68
C VAL B 17 -7.15 10.47 -28.85
N GLY B 18 -7.13 10.95 -30.09
CA GLY B 18 -7.18 12.37 -30.35
C GLY B 18 -5.88 12.96 -30.88
N GLY B 19 -4.86 12.09 -31.04
CA GLY B 19 -3.51 12.55 -31.24
C GLY B 19 -3.26 13.77 -30.35
N ASN B 20 -2.89 14.87 -31.00
CA ASN B 20 -2.37 15.99 -30.22
C ASN B 20 -3.42 17.00 -29.78
N LEU B 21 -4.69 16.69 -30.00
CA LEU B 21 -5.81 17.59 -29.74
C LEU B 21 -5.97 18.05 -28.32
N PHE B 22 -5.93 17.10 -27.40
CA PHE B 22 -6.05 17.40 -25.96
C PHE B 22 -4.73 17.15 -25.22
N ASP B 23 -3.66 16.96 -25.97
CA ASP B 23 -2.33 16.87 -25.41
C ASP B 23 -1.87 18.20 -24.88
N PHE B 24 -2.21 18.47 -23.61
CA PHE B 24 -1.74 19.67 -22.94
C PHE B 24 -2.13 19.62 -21.46
N TRP B 25 -1.57 20.51 -20.63
CA TRP B 25 -1.92 20.57 -19.20
C TRP B 25 -2.76 21.80 -18.92
N VAL B 26 -3.29 21.91 -17.71
CA VAL B 26 -4.01 23.06 -17.21
C VAL B 26 -3.62 23.20 -15.75
N GLY B 27 -2.65 24.06 -15.44
CA GLY B 27 -2.07 24.05 -14.12
C GLY B 27 -1.24 22.79 -14.09
N PRO B 28 -1.25 22.04 -12.99
CA PRO B 28 -0.49 20.76 -12.91
C PRO B 28 -1.23 19.62 -13.59
N PHE B 29 -2.51 19.80 -13.86
CA PHE B 29 -3.29 18.69 -14.34
C PHE B 29 -3.06 18.38 -15.82
N TYR B 30 -2.65 17.16 -16.12
CA TYR B 30 -2.77 16.68 -17.49
C TYR B 30 -4.27 16.61 -17.93
N VAL B 31 -4.53 16.91 -19.20
CA VAL B 31 -5.90 16.91 -19.70
C VAL B 31 -6.06 15.63 -20.48
N GLY B 32 -5.83 15.64 -21.78
CA GLY B 32 -6.05 14.47 -22.63
C GLY B 32 -7.52 14.26 -22.99
N PHE B 33 -7.80 13.35 -23.94
CA PHE B 33 -9.21 13.03 -24.27
C PHE B 33 -10.03 12.68 -23.03
N PHE B 34 -9.46 11.81 -22.21
CA PHE B 34 -10.08 11.26 -21.02
C PHE B 34 -10.09 12.22 -19.84
N GLY B 35 -9.27 13.27 -19.88
CA GLY B 35 -9.46 14.39 -18.98
C GLY B 35 -10.73 15.14 -19.34
N VAL B 36 -10.98 15.28 -20.65
CA VAL B 36 -12.22 15.90 -21.14
C VAL B 36 -13.43 15.03 -20.82
N ALA B 37 -13.38 13.75 -21.21
CA ALA B 37 -14.42 12.79 -20.83
C ALA B 37 -14.66 12.91 -19.33
N THR B 38 -13.62 12.78 -18.52
CA THR B 38 -13.82 12.89 -17.08
C THR B 38 -14.60 14.12 -16.67
N PHE B 39 -14.19 15.30 -17.14
CA PHE B 39 -14.91 16.54 -16.82
C PHE B 39 -16.39 16.42 -17.22
N PHE B 40 -16.68 16.02 -18.47
CA PHE B 40 -18.05 15.99 -18.95
C PHE B 40 -18.91 15.07 -18.04
N PHE B 41 -18.44 13.85 -17.78
CA PHE B 41 -19.12 12.89 -16.90
C PHE B 41 -19.21 13.40 -15.46
N ALA B 42 -18.12 13.89 -14.90
CA ALA B 42 -18.19 14.32 -13.50
C ALA B 42 -19.10 15.54 -13.38
N ALA B 43 -19.05 16.42 -14.39
CA ALA B 43 -19.84 17.64 -14.33
C ALA B 43 -21.34 17.31 -14.46
N LEU B 44 -21.72 16.61 -15.52
CA LEU B 44 -23.10 16.12 -15.65
C LEU B 44 -23.59 15.49 -14.33
N GLY B 45 -22.93 14.41 -13.92
CA GLY B 45 -23.15 13.77 -12.65
C GLY B 45 -23.41 14.72 -11.47
N ILE B 46 -22.55 15.72 -11.27
CA ILE B 46 -22.75 16.66 -10.17
C ILE B 46 -24.04 17.48 -10.40
N ILE B 47 -24.23 17.98 -11.63
CA ILE B 47 -25.41 18.77 -11.98
C ILE B 47 -26.67 17.94 -11.70
N LEU B 48 -26.69 16.69 -12.16
CA LEU B 48 -27.81 15.82 -11.87
C LEU B 48 -28.04 15.59 -10.37
N ILE B 49 -26.98 15.57 -9.57
CA ILE B 49 -27.14 15.39 -8.13
C ILE B 49 -27.72 16.66 -7.54
N ALA B 50 -27.15 17.81 -7.87
CA ALA B 50 -27.74 19.09 -7.42
C ALA B 50 -29.24 19.20 -7.83
N TRP B 51 -29.59 18.67 -9.00
CA TRP B 51 -30.97 18.67 -9.45
C TRP B 51 -31.79 17.78 -8.54
N SER B 52 -31.31 16.55 -8.33
CA SER B 52 -31.96 15.60 -7.44
C SER B 52 -32.08 16.16 -6.03
N ALA B 53 -31.14 17.02 -5.65
CA ALA B 53 -31.19 17.71 -4.36
C ALA B 53 -32.34 18.69 -4.29
N VAL B 54 -32.64 19.36 -5.41
CA VAL B 54 -33.76 20.32 -5.48
C VAL B 54 -35.14 19.59 -5.40
N LEU B 55 -35.25 18.53 -6.22
CA LEU B 55 -36.37 17.59 -6.22
C LEU B 55 -36.59 16.93 -4.85
N GLN B 56 -35.54 16.83 -4.03
CA GLN B 56 -35.67 16.26 -2.69
C GLN B 56 -35.98 17.33 -1.64
N GLY B 57 -35.67 18.58 -1.95
CA GLY B 57 -36.00 19.69 -1.07
C GLY B 57 -34.94 20.06 -0.06
N THR B 58 -33.68 19.78 -0.37
CA THR B 58 -32.59 20.18 0.52
C THR B 58 -31.22 20.48 -0.14
N TRP B 59 -30.44 21.36 0.51
CA TRP B 59 -29.04 21.64 0.14
C TRP B 59 -28.02 21.12 1.17
N ASN B 60 -28.48 20.50 2.26
CA ASN B 60 -27.54 19.90 3.21
C ASN B 60 -26.80 18.66 2.67
N PRO B 61 -25.48 18.67 2.75
CA PRO B 61 -24.68 17.54 2.27
C PRO B 61 -24.86 16.36 3.20
N GLN B 62 -25.25 16.63 4.45
CA GLN B 62 -25.58 15.54 5.37
C GLN B 62 -26.96 14.97 5.13
N LEU B 63 -27.78 15.62 4.31
CA LEU B 63 -29.12 15.10 4.03
C LEU B 63 -29.34 14.67 2.60
N ILE B 64 -28.74 15.38 1.64
CA ILE B 64 -28.90 15.07 0.22
C ILE B 64 -28.68 13.58 -0.03
N SER B 65 -29.67 12.92 -0.61
CA SER B 65 -29.52 11.51 -0.91
C SER B 65 -30.23 11.18 -2.22
N VAL B 66 -29.63 10.33 -3.03
CA VAL B 66 -30.23 9.91 -4.30
C VAL B 66 -30.46 8.42 -4.25
N TYR B 67 -31.70 7.96 -4.04
CA TYR B 67 -31.93 6.51 -3.91
C TYR B 67 -32.20 5.92 -5.29
N PRO B 68 -31.87 4.65 -5.50
CA PRO B 68 -32.14 3.99 -6.79
C PRO B 68 -33.64 3.75 -7.03
N PRO B 69 -34.05 3.25 -8.21
CA PRO B 69 -35.44 2.84 -8.43
C PRO B 69 -35.87 1.91 -7.31
N ALA B 70 -37.10 2.06 -6.82
CA ALA B 70 -37.60 1.12 -5.82
C ALA B 70 -37.69 -0.29 -6.41
N LEU B 71 -37.71 -1.28 -5.54
CA LEU B 71 -37.60 -2.68 -5.93
C LEU B 71 -38.55 -3.17 -7.04
N GLU B 72 -39.74 -2.58 -7.12
CA GLU B 72 -40.76 -2.95 -8.12
C GLU B 72 -40.53 -2.37 -9.53
N TYR B 73 -39.40 -1.70 -9.78
CA TYR B 73 -39.10 -1.29 -11.16
C TYR B 73 -38.28 -2.32 -11.89
N GLY B 74 -37.82 -3.33 -11.17
CA GLY B 74 -36.92 -4.34 -11.70
C GLY B 74 -35.62 -3.74 -12.25
N LEU B 75 -35.38 -3.97 -13.54
CA LEU B 75 -34.19 -3.47 -14.24
C LEU B 75 -34.54 -2.58 -15.41
N GLY B 76 -35.70 -1.93 -15.34
CA GLY B 76 -36.09 -0.99 -16.37
C GLY B 76 -35.73 0.38 -15.86
N GLY B 77 -36.24 1.42 -16.51
CA GLY B 77 -36.00 2.80 -16.10
C GLY B 77 -37.04 3.22 -15.11
N ALA B 78 -36.79 4.30 -14.40
CA ALA B 78 -37.79 4.79 -13.48
C ALA B 78 -37.91 6.28 -13.71
N PRO B 79 -39.10 6.84 -13.50
CA PRO B 79 -39.24 8.31 -13.56
C PRO B 79 -38.06 9.00 -12.88
N LEU B 80 -37.55 10.04 -13.51
CA LEU B 80 -36.40 10.79 -13.01
C LEU B 80 -36.44 11.04 -11.49
N ALA B 81 -37.58 11.46 -10.97
CA ALA B 81 -37.63 11.77 -9.54
C ALA B 81 -37.73 10.52 -8.65
N LYS B 82 -37.81 9.35 -9.27
CA LYS B 82 -38.08 8.12 -8.56
C LYS B 82 -37.08 7.04 -8.92
N GLY B 83 -35.83 7.44 -9.10
CA GLY B 83 -34.73 6.52 -9.35
C GLY B 83 -34.12 6.60 -10.75
N GLY B 84 -34.68 7.46 -11.59
CA GLY B 84 -34.11 7.75 -12.90
C GLY B 84 -32.81 8.54 -12.77
N LEU B 85 -32.79 9.53 -11.87
CA LEU B 85 -31.61 10.33 -11.71
C LEU B 85 -30.46 9.48 -11.22
N TRP B 86 -30.72 8.58 -10.27
CA TRP B 86 -29.70 7.64 -9.83
C TRP B 86 -29.20 6.84 -10.99
N GLN B 87 -30.10 6.39 -11.84
CA GLN B 87 -29.66 5.54 -12.94
C GLN B 87 -28.68 6.30 -13.85
N ILE B 88 -28.91 7.61 -14.01
CA ILE B 88 -28.08 8.42 -14.90
C ILE B 88 -26.79 8.86 -14.22
N ILE B 89 -26.89 9.20 -12.94
CA ILE B 89 -25.69 9.47 -12.15
C ILE B 89 -24.77 8.25 -12.11
N THR B 90 -25.31 7.06 -11.91
CA THR B 90 -24.50 5.84 -11.98
C THR B 90 -23.82 5.68 -13.33
N ILE B 91 -24.50 5.99 -14.44
CA ILE B 91 -23.83 5.94 -15.75
C ILE B 91 -22.71 7.01 -15.76
N CYS B 92 -23.02 8.20 -15.27
CA CYS B 92 -22.03 9.22 -15.11
C CYS B 92 -20.85 8.77 -14.23
N ALA B 93 -21.09 8.42 -12.97
CA ALA B 93 -20.01 7.90 -12.12
C ALA B 93 -19.06 6.89 -12.81
N THR B 94 -19.63 5.93 -13.51
CA THR B 94 -18.86 4.86 -14.16
C THR B 94 -18.05 5.45 -15.25
N GLY B 95 -18.68 6.28 -16.08
CA GLY B 95 -18.00 7.08 -17.11
C GLY B 95 -16.82 7.88 -16.55
N ALA B 96 -17.03 8.54 -15.41
CA ALA B 96 -15.98 9.32 -14.79
C ALA B 96 -14.86 8.42 -14.27
N PHE B 97 -15.20 7.28 -13.67
CA PHE B 97 -14.14 6.43 -13.13
C PHE B 97 -13.28 5.86 -14.25
N VAL B 98 -13.91 5.22 -15.24
CA VAL B 98 -13.20 4.59 -16.35
C VAL B 98 -12.38 5.61 -17.15
N SER B 99 -12.99 6.74 -17.49
CA SER B 99 -12.25 7.87 -18.04
C SER B 99 -11.00 8.23 -17.22
N TRP B 100 -11.11 8.23 -15.89
CA TRP B 100 -10.00 8.59 -15.04
C TRP B 100 -8.89 7.54 -15.13
N ALA B 101 -9.26 6.28 -15.18
CA ALA B 101 -8.24 5.27 -15.31
C ALA B 101 -7.57 5.36 -16.68
N LEU B 102 -8.35 5.69 -17.71
CA LEU B 102 -7.79 5.74 -19.06
C LEU B 102 -6.89 6.98 -19.22
N ARG B 103 -7.20 8.04 -18.48
CA ARG B 103 -6.37 9.24 -18.43
C ARG B 103 -5.10 8.89 -17.67
N GLU B 104 -5.24 8.06 -16.66
CA GLU B 104 -4.04 7.56 -15.96
C GLU B 104 -3.14 6.75 -16.90
N VAL B 105 -3.74 5.96 -17.79
CA VAL B 105 -2.99 5.17 -18.73
C VAL B 105 -2.27 6.13 -19.61
N GLU B 106 -2.96 7.20 -20.03
CA GLU B 106 -2.34 8.15 -20.95
C GLU B 106 -1.11 8.82 -20.31
N ILE B 107 -1.24 9.24 -19.05
CA ILE B 107 -0.10 9.79 -18.32
C ILE B 107 1.02 8.78 -18.32
N CYS B 108 0.72 7.53 -18.02
CA CYS B 108 1.73 6.49 -17.98
C CYS B 108 2.53 6.44 -19.24
N ARG B 109 1.86 6.48 -20.38
CA ARG B 109 2.56 6.48 -21.65
C ARG B 109 3.48 7.70 -21.88
N LYS B 110 3.01 8.88 -21.48
CA LYS B 110 3.88 10.02 -21.59
C LYS B 110 5.06 9.79 -20.70
N LEU B 111 4.85 9.35 -19.46
CA LEU B 111 5.98 9.28 -18.56
C LEU B 111 6.92 8.07 -18.76
N GLY B 112 6.67 7.26 -19.80
CA GLY B 112 7.25 5.94 -19.92
C GLY B 112 7.30 5.08 -18.63
N ILE B 113 6.24 5.07 -17.82
CA ILE B 113 6.18 4.12 -16.70
C ILE B 113 5.27 2.90 -16.92
N GLY B 114 5.21 2.03 -15.90
CA GLY B 114 4.34 0.86 -15.94
C GLY B 114 2.89 1.21 -15.67
N TYR B 115 2.01 0.32 -16.09
CA TYR B 115 0.58 0.56 -15.99
C TYR B 115 -0.03 0.16 -14.65
N HIS B 116 0.80 -0.16 -13.66
CA HIS B 116 0.34 -0.66 -12.36
C HIS B 116 -0.72 0.17 -11.68
N ILE B 117 -0.65 1.50 -11.77
CA ILE B 117 -1.60 2.35 -11.02
C ILE B 117 -3.06 2.24 -11.53
N PRO B 118 -3.29 2.50 -12.82
CA PRO B 118 -4.63 2.33 -13.39
C PRO B 118 -5.14 0.86 -13.28
N PHE B 119 -4.26 -0.13 -13.41
CA PHE B 119 -4.59 -1.51 -13.08
C PHE B 119 -5.11 -1.63 -11.63
N ALA B 120 -4.34 -1.12 -10.68
CA ALA B 120 -4.79 -1.13 -9.30
C ALA B 120 -6.13 -0.40 -9.14
N PHE B 121 -6.31 0.69 -9.88
CA PHE B 121 -7.47 1.53 -9.66
C PHE B 121 -8.67 0.73 -10.12
N ALA B 122 -8.51 0.03 -11.25
CA ALA B 122 -9.56 -0.83 -11.79
C ALA B 122 -10.20 -1.78 -10.77
N PHE B 123 -9.47 -2.24 -9.76
CA PHE B 123 -10.08 -3.08 -8.71
C PHE B 123 -11.08 -2.24 -7.91
N ALA B 124 -10.72 -1.03 -7.55
CA ALA B 124 -11.72 -0.23 -6.85
C ALA B 124 -12.99 -0.01 -7.71
N ILE B 125 -12.80 0.29 -8.99
CA ILE B 125 -13.91 0.50 -9.91
C ILE B 125 -14.76 -0.77 -9.94
N LEU B 126 -14.09 -1.93 -9.99
CA LEU B 126 -14.81 -3.19 -9.99
C LEU B 126 -15.64 -3.41 -8.70
N ALA B 127 -15.07 -3.07 -7.53
CA ALA B 127 -15.82 -3.11 -6.28
C ALA B 127 -17.08 -2.27 -6.44
N TYR B 128 -16.91 -1.04 -6.94
CA TYR B 128 -18.05 -0.15 -7.12
C TYR B 128 -19.09 -0.79 -8.03
N LEU B 129 -18.67 -1.27 -9.19
CA LEU B 129 -19.57 -1.85 -10.18
C LEU B 129 -20.25 -3.17 -9.70
N THR B 130 -19.60 -3.87 -8.78
CA THR B 130 -20.25 -4.95 -8.09
C THR B 130 -21.42 -4.38 -7.27
N LEU B 131 -21.20 -3.43 -6.38
CA LEU B 131 -22.33 -2.92 -5.64
C LEU B 131 -23.44 -2.26 -6.49
N VAL B 132 -23.15 -1.69 -7.65
CA VAL B 132 -24.21 -0.87 -8.24
C VAL B 132 -24.74 -1.41 -9.53
N LEU B 133 -24.05 -2.40 -10.08
CA LEU B 133 -24.42 -2.90 -11.38
C LEU B 133 -24.47 -4.42 -11.35
N PHE B 134 -23.35 -5.06 -11.08
CA PHE B 134 -23.28 -6.53 -11.10
C PHE B 134 -24.22 -7.23 -10.15
N ARG B 135 -24.22 -6.85 -8.87
CA ARG B 135 -25.13 -7.46 -7.91
C ARG B 135 -26.62 -7.19 -8.27
N PRO B 136 -27.02 -5.95 -8.45
CA PRO B 136 -28.40 -5.68 -8.87
C PRO B 136 -28.85 -6.48 -10.08
N VAL B 137 -28.03 -6.60 -11.11
CA VAL B 137 -28.47 -7.25 -12.33
C VAL B 137 -28.69 -8.74 -12.03
N MET B 138 -27.82 -9.30 -11.21
CA MET B 138 -27.89 -10.70 -10.88
C MET B 138 -29.03 -10.93 -9.90
N MET B 139 -29.45 -9.87 -9.22
CA MET B 139 -30.51 -9.98 -8.23
C MET B 139 -31.85 -9.53 -8.79
N GLY B 140 -31.88 -9.06 -10.04
CA GLY B 140 -33.11 -8.58 -10.68
C GLY B 140 -33.57 -7.13 -10.45
N ALA B 141 -32.89 -6.36 -9.58
CA ALA B 141 -33.29 -4.94 -9.38
C ALA B 141 -32.25 -3.90 -8.93
N TRP B 142 -32.26 -2.75 -9.60
CA TRP B 142 -31.46 -1.58 -9.21
C TRP B 142 -31.61 -1.16 -7.75
N GLY B 143 -32.80 -1.38 -7.19
CA GLY B 143 -33.09 -0.99 -5.81
C GLY B 143 -32.28 -1.75 -4.78
N TYR B 144 -31.52 -2.76 -5.22
CA TYR B 144 -30.60 -3.43 -4.32
C TYR B 144 -29.28 -2.67 -4.08
N ALA B 145 -28.99 -1.72 -4.96
CA ALA B 145 -27.77 -0.94 -4.86
C ALA B 145 -27.82 0.09 -3.71
N PHE B 146 -26.67 0.68 -3.37
CA PHE B 146 -26.70 1.62 -2.26
C PHE B 146 -27.09 2.97 -2.83
N PRO B 147 -27.69 3.79 -2.00
CA PRO B 147 -28.02 5.14 -2.44
C PRO B 147 -26.79 6.05 -2.27
N TYR B 148 -26.75 7.13 -3.03
CA TYR B 148 -25.70 8.11 -2.88
C TYR B 148 -26.06 9.13 -1.81
N GLY B 149 -25.60 8.88 -0.59
CA GLY B 149 -25.78 9.87 0.44
C GLY B 149 -24.88 9.51 1.59
N ILE B 150 -24.27 10.53 2.21
CA ILE B 150 -23.29 10.37 3.24
C ILE B 150 -23.81 9.40 4.30
N TRP B 151 -24.96 9.68 4.89
CA TRP B 151 -25.46 8.76 5.91
C TRP B 151 -26.42 7.73 5.38
N THR B 152 -27.11 8.02 4.28
CA THR B 152 -28.05 7.02 3.80
C THR B 152 -27.33 5.81 3.21
N HIS B 153 -26.13 5.99 2.64
CA HIS B 153 -25.32 4.84 2.16
C HIS B 153 -24.97 3.91 3.33
N LEU B 154 -24.88 4.47 4.52
CA LEU B 154 -24.49 3.71 5.69
C LEU B 154 -25.66 2.87 6.21
N ASP B 155 -26.86 3.45 6.10
CA ASP B 155 -28.11 2.74 6.37
C ASP B 155 -28.18 1.51 5.49
N TRP B 156 -27.87 1.67 4.20
CA TRP B 156 -27.87 0.54 3.30
C TRP B 156 -26.84 -0.51 3.70
N VAL B 157 -25.74 -0.06 4.27
CA VAL B 157 -24.73 -1.02 4.63
C VAL B 157 -25.31 -1.84 5.77
N SER B 158 -25.82 -1.18 6.80
CA SER B 158 -26.40 -1.90 7.93
C SER B 158 -27.58 -2.78 7.54
N ASN B 159 -28.52 -2.30 6.74
CA ASN B 159 -29.70 -3.11 6.45
C ASN B 159 -29.39 -4.29 5.57
N THR B 160 -28.47 -4.12 4.63
CA THR B 160 -27.99 -5.25 3.84
C THR B 160 -27.27 -6.24 4.77
N GLY B 161 -26.51 -5.71 5.69
CA GLY B 161 -25.72 -6.61 6.49
C GLY B 161 -26.59 -7.48 7.37
N TYR B 162 -27.59 -6.86 7.97
CA TYR B 162 -28.41 -7.54 8.94
C TYR B 162 -29.50 -8.39 8.30
N THR B 163 -29.82 -8.18 7.03
CA THR B 163 -30.49 -9.20 6.25
C THR B 163 -29.87 -10.59 6.37
N TYR B 164 -28.60 -10.76 6.72
CA TYR B 164 -28.03 -12.11 6.79
C TYR B 164 -27.51 -12.39 8.18
N GLY B 165 -28.10 -11.65 9.11
CA GLY B 165 -27.77 -11.82 10.51
C GLY B 165 -26.47 -11.08 10.72
N ASN B 166 -25.64 -11.54 11.66
CA ASN B 166 -24.32 -10.94 11.75
C ASN B 166 -23.45 -11.26 10.54
N PHE B 167 -23.28 -10.29 9.64
CA PHE B 167 -22.51 -10.40 8.40
C PHE B 167 -21.09 -10.86 8.63
N HIS B 168 -20.62 -10.79 9.88
CA HIS B 168 -19.33 -11.35 10.22
C HIS B 168 -19.16 -12.75 9.70
N TYR B 169 -20.23 -13.51 9.53
CA TYR B 169 -20.10 -14.94 9.25
C TYR B 169 -20.01 -15.23 7.75
N ASN B 170 -20.10 -14.19 6.93
CA ASN B 170 -19.78 -14.35 5.52
C ASN B 170 -18.29 -14.74 5.45
N PRO B 171 -17.99 -15.96 4.99
CA PRO B 171 -16.60 -16.43 4.93
C PRO B 171 -15.68 -15.49 4.07
N ALA B 172 -16.14 -15.08 2.89
CA ALA B 172 -15.34 -14.15 2.09
C ALA B 172 -15.12 -12.80 2.87
N HIS B 173 -16.19 -12.17 3.37
CA HIS B 173 -16.04 -11.01 4.24
C HIS B 173 -14.90 -11.26 5.24
N MET B 174 -14.71 -12.46 5.77
CA MET B 174 -13.66 -12.65 6.81
C MET B 174 -12.29 -12.57 6.18
N ILE B 175 -12.15 -13.24 5.05
CA ILE B 175 -10.89 -13.21 4.35
C ILE B 175 -10.57 -11.76 4.03
N ALA B 176 -11.53 -11.04 3.44
CA ALA B 176 -11.38 -9.64 3.07
C ALA B 176 -10.92 -8.78 4.24
N ILE B 177 -11.51 -8.98 5.40
CA ILE B 177 -11.23 -8.09 6.51
C ILE B 177 -9.82 -8.34 6.90
N SER B 178 -9.35 -9.51 6.53
CA SER B 178 -8.06 -9.96 6.98
C SER B 178 -7.01 -9.25 6.20
N PHE B 179 -7.24 -9.18 4.91
CA PHE B 179 -6.43 -8.39 4.04
C PHE B 179 -6.46 -6.91 4.50
N PHE B 180 -7.62 -6.29 4.66
CA PHE B 180 -7.64 -4.91 5.17
C PHE B 180 -6.74 -4.67 6.37
N PHE B 181 -6.88 -5.48 7.40
CA PHE B 181 -6.16 -5.31 8.63
C PHE B 181 -4.65 -5.55 8.36
N THR B 182 -4.36 -6.59 7.57
CA THR B 182 -2.97 -6.95 7.31
C THR B 182 -2.27 -5.82 6.57
N ASN B 183 -2.96 -5.33 5.54
CA ASN B 183 -2.51 -4.22 4.72
C ASN B 183 -2.27 -3.00 5.53
N ALA B 184 -3.10 -2.70 6.51
CA ALA B 184 -2.85 -1.57 7.37
C ALA B 184 -1.58 -1.81 8.14
N LEU B 185 -1.39 -3.06 8.55
CA LEU B 185 -0.20 -3.42 9.32
C LEU B 185 1.04 -3.22 8.44
N ALA B 186 0.99 -3.68 7.19
CA ALA B 186 2.11 -3.52 6.27
C ALA B 186 2.39 -2.04 5.94
N LEU B 187 1.33 -1.23 5.83
CA LEU B 187 1.51 0.17 5.65
C LEU B 187 2.26 0.75 6.84
N ALA B 188 1.78 0.49 8.07
CA ALA B 188 2.40 1.07 9.27
C ALA B 188 3.87 0.74 9.27
N LEU B 189 4.17 -0.50 8.93
CA LEU B 189 5.50 -0.99 9.12
C LEU B 189 6.39 -0.50 8.00
N HIS B 190 5.96 -0.56 6.72
CA HIS B 190 6.80 -0.05 5.62
C HIS B 190 7.16 1.40 5.86
N GLY B 191 6.14 2.17 6.26
CA GLY B 191 6.30 3.58 6.51
C GLY B 191 7.33 3.75 7.58
N ALA B 192 7.19 3.00 8.67
CA ALA B 192 8.05 3.22 9.82
C ALA B 192 9.46 2.71 9.53
N LEU B 193 9.57 1.65 8.72
CA LEU B 193 10.89 1.10 8.39
C LEU B 193 11.71 2.15 7.64
N VAL B 194 11.33 2.44 6.40
CA VAL B 194 11.94 3.50 5.60
C VAL B 194 12.26 4.77 6.44
N LEU B 195 11.26 5.35 7.12
CA LEU B 195 11.54 6.50 7.95
C LEU B 195 12.63 6.28 9.03
N SER B 196 12.69 5.12 9.64
CA SER B 196 13.71 4.89 10.68
C SER B 196 15.13 4.73 10.09
N ALA B 197 15.16 4.31 8.82
CA ALA B 197 16.40 4.28 8.07
C ALA B 197 16.80 5.71 7.63
N ALA B 198 15.85 6.50 7.16
CA ALA B 198 16.23 7.77 6.59
C ALA B 198 16.44 8.77 7.70
N ASN B 199 15.93 8.45 8.87
CA ASN B 199 15.88 9.42 9.97
C ASN B 199 16.36 8.73 11.22
N PRO B 200 17.65 8.40 11.22
CA PRO B 200 18.25 7.61 12.28
C PRO B 200 18.41 8.41 13.54
N GLU B 201 19.03 7.83 14.56
CA GLU B 201 19.27 8.55 15.82
C GLU B 201 20.09 9.84 15.62
N LYS B 202 19.78 10.86 16.41
CA LYS B 202 20.42 12.19 16.32
C LYS B 202 21.91 12.13 16.02
N GLY B 203 22.35 12.76 14.94
CA GLY B 203 23.76 12.74 14.60
C GLY B 203 24.31 11.56 13.82
N LYS B 204 23.64 10.38 13.82
CA LYS B 204 24.13 9.18 13.10
C LYS B 204 23.92 9.33 11.60
N GLU B 205 24.59 8.55 10.77
CA GLU B 205 24.29 8.65 9.35
C GLU B 205 23.02 7.86 8.96
N MET B 206 22.37 8.32 7.88
CA MET B 206 21.33 7.58 7.20
C MET B 206 21.72 6.11 7.11
N ARG B 207 20.82 5.22 7.51
CA ARG B 207 21.00 3.79 7.36
C ARG B 207 20.73 3.30 5.93
N THR B 208 20.69 1.99 5.72
CA THR B 208 20.55 1.41 4.36
C THR B 208 19.53 0.26 4.30
N PRO B 209 19.11 -0.15 3.10
CA PRO B 209 18.35 -1.39 2.91
C PRO B 209 18.89 -2.51 3.82
N ASP B 210 20.21 -2.74 3.81
CA ASP B 210 20.84 -3.53 4.87
C ASP B 210 20.57 -2.81 6.18
N GLU B 212 17.74 -2.42 8.04
CA GLU B 212 16.43 -2.57 7.37
C GLU B 212 16.03 -4.01 7.13
N ASP B 213 16.65 -4.71 6.17
CA ASP B 213 16.57 -6.17 6.17
C ASP B 213 16.98 -6.65 7.57
N THR B 214 18.05 -6.07 8.11
CA THR B 214 18.59 -6.52 9.38
C THR B 214 17.55 -6.36 10.47
N PHE B 215 16.97 -5.16 10.56
CA PHE B 215 16.06 -4.82 11.65
C PHE B 215 14.93 -5.80 11.72
N PHE B 216 14.40 -6.13 10.55
CA PHE B 216 13.22 -6.98 10.51
C PHE B 216 13.54 -8.46 10.85
N ARG B 217 14.61 -8.99 10.25
CA ARG B 217 15.16 -10.28 10.62
C ARG B 217 15.45 -10.31 12.12
N ASP B 218 16.11 -9.29 12.61
CA ASP B 218 16.30 -9.24 14.04
C ASP B 218 14.97 -9.42 14.73
N LEU B 219 13.90 -8.84 14.19
CA LEU B 219 12.66 -8.69 14.96
C LEU B 219 11.79 -9.94 14.86
N VAL B 220 11.65 -10.46 13.64
CA VAL B 220 10.80 -11.62 13.40
C VAL B 220 11.45 -12.76 12.61
N GLY B 221 12.74 -12.66 12.31
CA GLY B 221 13.40 -13.71 11.59
C GLY B 221 13.09 -13.71 10.11
N TYR B 222 12.35 -12.73 9.60
CA TYR B 222 12.28 -12.64 8.13
C TYR B 222 12.32 -11.16 7.70
N SER B 223 12.68 -10.95 6.43
CA SER B 223 12.51 -9.66 5.79
C SER B 223 12.14 -9.92 4.33
N ILE B 224 11.07 -9.27 3.85
CA ILE B 224 10.61 -9.52 2.50
C ILE B 224 11.44 -8.76 1.44
N GLY B 225 12.22 -7.77 1.90
CA GLY B 225 12.93 -6.92 0.95
C GLY B 225 12.13 -5.73 0.50
N THR B 226 12.76 -4.93 -0.34
CA THR B 226 12.29 -3.60 -0.64
C THR B 226 11.51 -3.66 -1.90
N LEU B 227 11.80 -4.62 -2.78
CA LEU B 227 10.95 -4.81 -3.95
C LEU B 227 9.73 -5.52 -3.43
N GLY B 228 9.94 -6.25 -2.34
CA GLY B 228 8.98 -7.24 -1.87
C GLY B 228 7.80 -6.57 -1.25
N ILE B 229 8.11 -5.66 -0.30
CA ILE B 229 7.08 -4.89 0.41
C ILE B 229 6.21 -4.04 -0.48
N HIS B 230 6.72 -3.65 -1.65
CA HIS B 230 5.92 -2.81 -2.52
C HIS B 230 4.99 -3.78 -3.27
N ARG B 231 5.55 -4.94 -3.64
CA ARG B 231 4.71 -6.06 -4.11
C ARG B 231 3.64 -6.48 -3.08
N LEU B 232 4.01 -6.56 -1.80
CA LEU B 232 3.07 -6.89 -0.75
C LEU B 232 1.89 -5.89 -0.63
N GLY B 233 2.13 -4.68 -0.13
CA GLY B 233 1.12 -3.62 -0.12
C GLY B 233 0.21 -3.73 -1.35
N LEU B 234 0.81 -3.76 -2.53
CA LEU B 234 -0.04 -3.86 -3.71
C LEU B 234 -1.00 -5.08 -3.58
N LEU B 235 -0.45 -6.29 -3.49
CA LEU B 235 -1.20 -7.55 -3.34
C LEU B 235 -2.19 -7.49 -2.16
N LEU B 236 -1.71 -7.18 -0.95
CA LEU B 236 -2.59 -7.10 0.18
C LEU B 236 -3.83 -6.24 -0.13
N SER B 237 -3.62 -4.99 -0.52
CA SER B 237 -4.76 -4.07 -0.65
C SER B 237 -5.67 -4.42 -1.83
N LEU B 238 -5.11 -4.76 -2.99
CA LEU B 238 -5.93 -5.30 -4.08
C LEU B 238 -6.72 -6.54 -3.68
N SER B 239 -6.08 -7.46 -2.94
CA SER B 239 -6.75 -8.68 -2.47
C SER B 239 -7.89 -8.37 -1.51
N ALA B 240 -7.69 -7.46 -0.57
CA ALA B 240 -8.82 -6.99 0.23
C ALA B 240 -10.04 -6.54 -0.61
N VAL B 241 -9.78 -5.81 -1.69
CA VAL B 241 -10.89 -5.34 -2.48
C VAL B 241 -11.45 -6.47 -3.33
N PHE B 242 -10.64 -7.45 -3.70
CA PHE B 242 -11.15 -8.53 -4.52
C PHE B 242 -12.13 -9.32 -3.65
N PHE B 243 -11.71 -9.62 -2.43
CA PHE B 243 -12.55 -10.40 -1.57
C PHE B 243 -13.78 -9.61 -1.17
N SER B 244 -13.59 -8.32 -0.93
CA SER B 244 -14.73 -7.43 -0.70
C SER B 244 -15.81 -7.60 -1.76
N ALA B 245 -15.41 -7.56 -3.01
CA ALA B 245 -16.36 -7.75 -4.09
C ALA B 245 -16.91 -9.20 -4.19
N LEU B 246 -16.05 -10.22 -4.01
CA LEU B 246 -16.48 -11.63 -3.90
C LEU B 246 -17.55 -11.78 -2.83
N CYS B 247 -17.32 -11.17 -1.68
CA CYS B 247 -18.17 -11.40 -0.53
C CYS B 247 -19.55 -10.79 -0.74
N MET B 248 -19.68 -9.90 -1.69
CA MET B 248 -20.98 -9.31 -1.93
C MET B 248 -21.59 -9.84 -3.24
N ILE B 249 -20.75 -10.27 -4.18
CA ILE B 249 -21.25 -10.80 -5.45
C ILE B 249 -22.08 -12.04 -5.12
N ILE B 250 -21.68 -12.78 -4.07
CA ILE B 250 -22.30 -14.04 -3.69
C ILE B 250 -23.49 -13.88 -2.72
N THR B 251 -23.69 -12.70 -2.15
CA THR B 251 -24.67 -12.51 -1.09
C THR B 251 -25.91 -11.94 -1.69
N GLY B 252 -27.02 -12.66 -1.49
CA GLY B 252 -28.27 -12.40 -2.19
C GLY B 252 -28.35 -13.17 -3.52
N THR B 253 -27.39 -14.04 -3.80
CA THR B 253 -27.37 -14.72 -5.08
C THR B 253 -27.02 -16.19 -4.90
N ILE B 254 -25.79 -16.54 -4.58
CA ILE B 254 -25.60 -17.94 -4.33
C ILE B 254 -25.92 -18.28 -2.88
N TRP B 255 -25.82 -17.31 -1.99
CA TRP B 255 -26.17 -17.53 -0.58
C TRP B 255 -27.05 -16.38 -0.14
N PHE B 256 -28.19 -16.70 0.47
CA PHE B 256 -29.20 -15.68 0.82
C PHE B 256 -29.84 -15.89 2.17
N ASP B 257 -29.43 -16.93 2.86
CA ASP B 257 -29.91 -17.14 4.23
C ASP B 257 -28.95 -16.52 5.23
N GLN B 258 -29.01 -16.92 6.50
CA GLN B 258 -28.21 -16.28 7.51
C GLN B 258 -26.79 -16.84 7.37
N TRP B 259 -25.80 -15.93 7.22
CA TRP B 259 -24.41 -16.38 7.00
C TRP B 259 -23.89 -17.30 8.12
N VAL B 260 -24.32 -17.08 9.38
CA VAL B 260 -23.87 -17.95 10.49
C VAL B 260 -24.17 -19.44 10.20
N ASP B 261 -25.32 -19.67 9.58
CA ASP B 261 -25.79 -21.02 9.36
C ASP B 261 -24.97 -21.79 8.32
N TRP B 262 -24.27 -21.07 7.43
CA TRP B 262 -23.39 -21.67 6.40
C TRP B 262 -22.34 -22.56 7.07
N TRP B 263 -21.96 -22.23 8.30
CA TRP B 263 -20.84 -22.90 9.00
C TRP B 263 -21.23 -24.26 9.48
N GLN B 264 -22.52 -24.54 9.43
CA GLN B 264 -23.00 -25.84 9.87
C GLN B 264 -22.45 -27.01 9.06
N TRP B 265 -22.08 -26.80 7.79
CA TRP B 265 -21.54 -27.87 6.95
C TRP B 265 -20.32 -28.58 7.57
N TRP B 266 -19.54 -27.87 8.38
CA TRP B 266 -18.37 -28.43 9.05
C TRP B 266 -18.81 -29.24 10.29
N VAL B 267 -19.71 -28.68 11.09
CA VAL B 267 -20.17 -29.34 12.34
C VAL B 267 -20.89 -30.65 12.00
N LYS B 268 -21.71 -30.59 10.96
CA LYS B 268 -22.57 -31.66 10.48
C LYS B 268 -21.83 -32.72 9.67
N LEU B 269 -20.50 -32.60 9.54
CA LEU B 269 -19.73 -33.66 8.88
C LEU B 269 -19.88 -34.99 9.65
N PRO B 270 -20.18 -36.08 8.91
CA PRO B 270 -20.55 -37.40 9.47
C PRO B 270 -19.62 -37.96 10.57
N TRP B 271 -18.30 -37.92 10.33
CA TRP B 271 -17.29 -38.35 11.33
C TRP B 271 -17.45 -37.76 12.76
N TRP B 272 -18.02 -36.57 12.92
CA TRP B 272 -18.14 -35.97 14.25
C TRP B 272 -19.49 -35.35 14.55
N ALA B 273 -20.35 -35.29 13.54
CA ALA B 273 -21.65 -34.65 13.70
C ALA B 273 -22.30 -35.05 15.03
N ASN B 274 -22.15 -36.32 15.39
CA ASN B 274 -22.98 -36.95 16.42
C ASN B 274 -22.27 -37.29 17.72
N ILE B 275 -20.97 -37.14 17.75
CA ILE B 275 -20.21 -37.28 18.99
C ILE B 275 -20.71 -36.23 19.99
N PRO B 276 -20.97 -36.58 21.25
CA PRO B 276 -21.50 -35.57 22.20
C PRO B 276 -20.36 -34.91 22.97
N GLY B 277 -20.65 -33.92 23.83
CA GLY B 277 -19.65 -33.02 24.40
C GLY B 277 -19.42 -31.77 23.53
N GLY B 278 -18.86 -30.71 24.12
CA GLY B 278 -18.56 -29.50 23.35
C GLY B 278 -19.78 -28.64 23.07
N ILE B 279 -19.65 -27.69 22.16
CA ILE B 279 -20.65 -26.64 22.02
C ILE B 279 -21.83 -27.10 21.20
N ASN B 280 -21.56 -27.99 20.24
CA ASN B 280 -22.59 -28.47 19.31
C ASN B 280 -22.89 -29.95 19.54
N GLY B 281 -22.50 -30.44 20.70
CA GLY B 281 -22.83 -31.78 21.14
C GLY B 281 -23.59 -31.75 22.45
N ALA C 1 3.04 -9.86 -24.01
CA ALA C 1 2.94 -9.74 -22.52
C ALA C 1 4.25 -9.14 -21.92
N GLU C 2 4.22 -7.83 -21.65
CA GLU C 2 5.28 -7.12 -20.93
C GLU C 2 5.46 -7.61 -19.47
N TYR C 3 6.70 -7.70 -19.02
CA TYR C 3 7.02 -8.16 -17.67
C TYR C 3 6.58 -7.13 -16.58
N GLN C 4 5.89 -7.59 -15.53
CA GLN C 4 5.25 -6.68 -14.57
C GLN C 4 5.88 -6.55 -13.19
N ASN C 5 6.91 -7.32 -12.88
CA ASN C 5 7.62 -7.24 -11.60
C ASN C 5 6.77 -7.56 -10.36
N ILE C 6 5.78 -8.41 -10.58
CA ILE C 6 4.97 -8.94 -9.47
C ILE C 6 5.72 -10.15 -8.91
N PHE C 7 6.21 -11.00 -9.82
CA PHE C 7 7.11 -12.11 -9.49
C PHE C 7 8.44 -11.95 -10.21
N SER C 8 9.54 -12.40 -9.61
CA SER C 8 10.86 -12.36 -10.26
C SER C 8 10.97 -13.36 -11.39
N GLN C 9 11.79 -13.11 -12.40
CA GLN C 9 11.96 -14.12 -13.45
C GLN C 9 13.17 -14.98 -13.16
N VAL C 10 14.19 -14.37 -12.51
CA VAL C 10 15.38 -15.09 -12.08
C VAL C 10 15.72 -14.82 -10.63
N GLN C 11 15.83 -15.87 -9.83
CA GLN C 11 16.39 -15.68 -8.48
C GLN C 11 17.88 -15.79 -8.55
N VAL C 12 18.57 -15.11 -7.65
CA VAL C 12 20.00 -15.29 -7.50
C VAL C 12 20.27 -15.43 -6.03
N ARG C 13 21.22 -16.29 -5.69
CA ARG C 13 21.58 -16.47 -4.31
C ARG C 13 23.09 -16.30 -4.21
N GLY C 14 23.52 -15.81 -3.04
CA GLY C 14 24.91 -15.77 -2.64
C GLY C 14 24.98 -16.14 -1.17
N PRO C 15 26.10 -15.88 -0.50
CA PRO C 15 26.27 -16.24 0.91
C PRO C 15 25.14 -15.77 1.81
N ALA C 16 24.81 -16.60 2.79
CA ALA C 16 23.87 -16.18 3.82
C ALA C 16 24.18 -14.76 4.29
N ASP C 17 23.22 -13.86 4.10
CA ASP C 17 23.31 -12.50 4.64
C ASP C 17 23.12 -12.42 6.16
N LEU C 18 24.19 -12.08 6.86
CA LEU C 18 24.17 -12.15 8.29
C LEU C 18 23.82 -10.79 8.84
N GLY C 19 23.83 -9.79 7.95
CA GLY C 19 23.40 -8.44 8.29
C GLY C 19 24.32 -7.54 9.11
N MET C 20 23.83 -6.36 9.41
CA MET C 20 24.63 -5.29 9.95
C MET C 20 24.82 -5.48 11.40
N THR C 21 26.07 -5.26 11.81
CA THR C 21 26.47 -5.45 13.19
C THR C 21 26.06 -4.28 14.02
N GLU C 22 26.51 -3.07 13.65
CA GLU C 22 26.28 -1.88 14.48
C GLU C 22 26.45 -2.21 15.96
N ASP C 23 25.44 -1.95 16.77
CA ASP C 23 25.57 -2.16 18.18
C ASP C 23 24.86 -3.40 18.66
N VAL C 24 24.46 -4.25 17.72
CA VAL C 24 23.78 -5.49 18.06
C VAL C 24 24.77 -6.39 18.79
N ASN C 25 24.28 -7.12 19.78
CA ASN C 25 25.04 -8.13 20.50
C ASN C 25 24.91 -9.47 19.76
N LEU C 26 25.89 -9.77 18.90
CA LEU C 26 25.83 -10.91 17.96
C LEU C 26 25.70 -12.26 18.65
N ALA C 27 26.00 -12.28 19.96
CA ALA C 27 25.92 -13.51 20.74
C ALA C 27 24.47 -13.99 20.65
N ASN C 28 23.57 -13.01 20.60
CA ASN C 28 22.14 -13.26 20.56
C ASN C 28 21.46 -13.55 19.20
N ARG C 29 22.21 -13.56 18.10
CA ARG C 29 21.57 -13.91 16.85
C ARG C 29 21.67 -15.37 16.62
N SER C 30 20.58 -16.02 16.24
CA SER C 30 20.66 -17.35 15.67
C SER C 30 21.63 -17.32 14.49
N GLY C 31 21.71 -18.43 13.76
CA GLY C 31 22.35 -18.40 12.47
C GLY C 31 21.20 -18.43 11.50
N VAL C 32 21.51 -18.48 10.22
CA VAL C 32 20.45 -18.42 9.22
C VAL C 32 19.52 -19.59 9.36
N GLY C 33 18.41 -19.50 8.63
CA GLY C 33 17.40 -20.54 8.54
C GLY C 33 17.58 -21.03 7.13
N PRO C 34 16.64 -21.79 6.60
CA PRO C 34 16.72 -22.22 5.20
C PRO C 34 16.49 -21.06 4.21
N PHE C 35 16.39 -21.39 2.93
CA PHE C 35 16.22 -20.40 1.89
C PHE C 35 15.08 -20.98 1.11
N SER C 36 14.05 -20.17 0.84
CA SER C 36 12.84 -20.68 0.23
C SER C 36 12.70 -20.14 -1.16
N THR C 37 13.12 -20.90 -2.13
CA THR C 37 12.81 -20.59 -3.52
C THR C 37 11.36 -20.18 -3.72
N LEU C 38 10.48 -20.71 -2.90
CA LEU C 38 9.09 -20.33 -3.04
C LEU C 38 8.95 -18.85 -2.72
N LEU C 39 9.21 -18.46 -1.47
CA LEU C 39 9.19 -17.07 -1.03
C LEU C 39 9.89 -16.16 -2.05
N GLY C 40 11.11 -16.56 -2.41
CA GLY C 40 11.88 -15.95 -3.46
C GLY C 40 11.25 -15.58 -4.79
N TRP C 41 10.06 -16.01 -5.16
CA TRP C 41 9.54 -15.47 -6.42
C TRP C 41 8.93 -14.09 -6.19
N PHE C 42 8.60 -13.85 -4.91
CA PHE C 42 7.86 -12.67 -4.49
C PHE C 42 8.74 -11.71 -3.68
N GLY C 43 9.46 -12.24 -2.70
CA GLY C 43 10.35 -11.48 -1.86
C GLY C 43 11.70 -12.15 -1.67
N ASN C 44 12.29 -11.94 -0.51
CA ASN C 44 13.55 -12.57 -0.18
C ASN C 44 13.42 -14.06 0.05
N ALA C 45 14.45 -14.82 -0.35
CA ALA C 45 14.47 -16.29 -0.12
C ALA C 45 15.01 -16.65 1.26
N GLN C 46 15.86 -15.82 1.82
CA GLN C 46 16.46 -16.18 3.09
C GLN C 46 15.52 -16.03 4.30
N LEU C 47 15.37 -17.12 5.06
CA LEU C 47 14.84 -17.07 6.42
C LEU C 47 15.97 -16.83 7.39
N GLY C 48 15.70 -16.11 8.46
CA GLY C 48 16.67 -15.80 9.49
C GLY C 48 17.83 -14.90 9.07
N PRO C 49 18.74 -14.61 10.01
CA PRO C 49 18.64 -15.09 11.39
C PRO C 49 17.59 -14.29 12.11
N ILE C 50 17.19 -14.72 13.31
CA ILE C 50 16.33 -13.93 14.17
C ILE C 50 17.22 -13.56 15.30
N TYR C 51 16.75 -12.75 16.23
CA TYR C 51 17.54 -12.37 17.37
C TYR C 51 16.73 -12.77 18.60
N LEU C 52 17.27 -13.67 19.41
CA LEU C 52 16.64 -14.11 20.65
C LEU C 52 16.92 -13.04 21.68
N GLY C 53 17.68 -13.33 22.73
CA GLY C 53 17.88 -12.33 23.78
C GLY C 53 16.83 -12.32 24.90
N SER C 54 17.14 -11.72 26.05
CA SER C 54 16.29 -11.88 27.25
C SER C 54 14.80 -11.54 27.00
N LEU C 55 14.52 -10.26 26.71
CA LEU C 55 13.17 -9.81 26.38
C LEU C 55 12.50 -10.65 25.29
N GLY C 56 13.26 -11.09 24.29
CA GLY C 56 12.67 -11.92 23.26
C GLY C 56 12.01 -13.14 23.89
N VAL C 57 12.80 -13.87 24.67
CA VAL C 57 12.38 -15.14 25.27
C VAL C 57 11.19 -14.91 26.19
N LEU C 58 11.27 -13.89 27.02
CA LEU C 58 10.17 -13.55 27.91
C LEU C 58 8.88 -13.48 27.08
N SER C 59 8.92 -12.67 26.05
CA SER C 59 7.82 -12.44 25.13
C SER C 59 7.33 -13.75 24.52
N LEU C 60 8.23 -14.44 23.80
CA LEU C 60 7.92 -15.71 23.16
C LEU C 60 7.29 -16.73 24.13
N PHE C 61 7.90 -16.93 25.30
CA PHE C 61 7.40 -17.94 26.24
C PHE C 61 6.03 -17.50 26.72
N SER C 62 5.99 -16.26 27.20
CA SER C 62 4.79 -15.61 27.69
C SER C 62 3.60 -15.65 26.70
N GLY C 63 3.92 -15.62 25.41
CA GLY C 63 2.92 -15.63 24.37
C GLY C 63 2.33 -17.00 24.15
N LEU C 64 3.20 -18.01 24.15
CA LEU C 64 2.80 -19.41 24.17
C LEU C 64 1.96 -19.73 25.40
N MET C 65 2.44 -19.28 26.56
CA MET C 65 1.69 -19.42 27.78
C MET C 65 0.23 -18.96 27.64
N TRP C 66 0.03 -17.91 26.83
CA TRP C 66 -1.31 -17.38 26.59
C TRP C 66 -2.05 -18.31 25.64
N PHE C 67 -1.40 -18.65 24.54
CA PHE C 67 -1.97 -19.53 23.52
C PHE C 67 -2.36 -20.87 24.12
N PHE C 68 -1.48 -21.41 24.97
CA PHE C 68 -1.75 -22.66 25.67
C PHE C 68 -2.83 -22.53 26.74
N THR C 69 -2.87 -21.42 27.50
CA THR C 69 -3.95 -21.21 28.45
C THR C 69 -5.31 -21.25 27.78
N ILE C 70 -5.42 -20.68 26.60
CA ILE C 70 -6.69 -20.72 25.86
C ILE C 70 -6.97 -22.14 25.34
N GLY C 71 -5.98 -22.79 24.75
CA GLY C 71 -6.18 -24.11 24.18
C GLY C 71 -6.55 -25.20 25.16
N ILE C 72 -5.97 -25.15 26.37
CA ILE C 72 -6.35 -26.05 27.46
C ILE C 72 -7.83 -25.90 27.71
N TRP C 73 -8.30 -24.67 27.90
CA TRP C 73 -9.71 -24.43 28.15
C TRP C 73 -10.57 -24.96 27.00
N PHE C 74 -10.07 -24.90 25.78
CA PHE C 74 -10.78 -25.43 24.62
C PHE C 74 -10.93 -26.95 24.61
N TRP C 75 -9.82 -27.68 24.86
CA TRP C 75 -9.83 -29.14 25.03
C TRP C 75 -10.81 -29.47 26.15
N TYR C 76 -10.60 -28.83 27.31
CA TYR C 76 -11.52 -28.99 28.41
C TYR C 76 -12.96 -28.84 27.93
N GLN C 77 -13.24 -27.80 27.14
CA GLN C 77 -14.60 -27.55 26.69
C GLN C 77 -15.11 -28.66 25.78
N ALA C 78 -14.17 -29.36 25.16
CA ALA C 78 -14.44 -30.50 24.26
C ALA C 78 -14.54 -31.83 25.03
N GLY C 79 -14.45 -31.76 26.37
CA GLY C 79 -14.37 -32.94 27.21
C GLY C 79 -13.30 -33.89 26.66
N TRP C 80 -12.15 -33.29 26.32
CA TRP C 80 -10.90 -33.98 25.96
C TRP C 80 -10.94 -34.80 24.67
N ASN C 81 -12.02 -34.66 23.92
CA ASN C 81 -12.22 -35.45 22.72
C ASN C 81 -11.71 -34.75 21.46
N PRO C 82 -10.63 -35.26 20.84
CA PRO C 82 -10.00 -34.66 19.65
C PRO C 82 -10.96 -34.27 18.55
N ALA C 83 -11.74 -35.23 18.10
CA ALA C 83 -12.71 -35.01 17.05
C ALA C 83 -13.72 -33.90 17.41
N VAL C 84 -14.05 -33.76 18.70
CA VAL C 84 -14.92 -32.66 19.12
C VAL C 84 -14.19 -31.29 19.06
N PHE C 85 -13.04 -31.20 19.73
CA PHE C 85 -12.14 -30.07 19.59
C PHE C 85 -12.08 -29.56 18.15
N LEU C 86 -11.68 -30.44 17.24
CA LEU C 86 -11.57 -30.10 15.84
C LEU C 86 -12.93 -29.58 15.35
N ARG C 87 -14.01 -30.24 15.77
CA ARG C 87 -15.34 -29.92 15.26
C ARG C 87 -15.77 -28.51 15.64
N ASP C 88 -15.68 -28.24 16.94
CA ASP C 88 -16.16 -27.03 17.57
C ASP C 88 -15.09 -25.94 17.82
N LEU C 89 -14.01 -26.02 17.05
CA LEU C 89 -12.85 -25.16 17.23
C LEU C 89 -13.17 -23.66 17.21
N PHE C 90 -13.98 -23.22 16.25
CA PHE C 90 -14.34 -21.82 16.18
C PHE C 90 -15.48 -21.50 17.12
N PHE C 91 -15.93 -22.47 17.91
CA PHE C 91 -17.08 -22.21 18.81
C PHE C 91 -16.67 -22.11 20.26
N PHE C 92 -15.50 -22.65 20.61
CA PHE C 92 -15.04 -22.54 22.00
C PHE C 92 -14.74 -21.09 22.37
N SER C 93 -14.77 -20.78 23.66
CA SER C 93 -14.49 -19.42 24.07
C SER C 93 -14.02 -19.40 25.50
N LEU C 94 -12.93 -18.67 25.75
CA LEU C 94 -12.50 -18.37 27.11
C LEU C 94 -13.09 -17.02 27.52
N GLU C 95 -14.18 -17.05 28.28
CA GLU C 95 -14.93 -15.82 28.59
C GLU C 95 -14.42 -15.14 29.89
N PRO C 96 -14.50 -13.81 29.99
CA PRO C 96 -14.01 -13.10 31.18
C PRO C 96 -14.95 -13.30 32.35
N PRO C 97 -14.55 -12.92 33.57
CA PRO C 97 -15.43 -13.00 34.74
C PRO C 97 -16.77 -12.34 34.49
N ALA C 98 -17.81 -12.88 35.15
CA ALA C 98 -19.14 -12.29 35.18
C ALA C 98 -19.14 -10.87 35.83
N PRO C 99 -20.08 -10.00 35.43
CA PRO C 99 -20.11 -8.61 35.93
C PRO C 99 -19.99 -8.50 37.45
N GLU C 100 -20.42 -9.55 38.15
CA GLU C 100 -20.53 -9.63 39.62
C GLU C 100 -19.19 -9.52 40.33
N TYR C 101 -18.12 -10.10 39.77
CA TYR C 101 -16.82 -10.03 40.42
C TYR C 101 -16.15 -8.66 40.27
N GLY C 102 -16.76 -7.79 39.48
CA GLY C 102 -16.23 -6.46 39.26
C GLY C 102 -14.85 -6.53 38.61
N LEU C 103 -13.92 -5.79 39.21
CA LEU C 103 -12.52 -5.80 38.78
C LEU C 103 -11.63 -6.71 39.67
N SER C 104 -12.26 -7.48 40.55
CA SER C 104 -11.54 -8.34 41.48
C SER C 104 -10.79 -9.42 40.69
N PHE C 105 -9.67 -9.90 41.24
CA PHE C 105 -8.96 -11.07 40.70
C PHE C 105 -9.44 -12.36 41.40
N ALA C 106 -10.58 -12.29 42.09
CA ALA C 106 -11.01 -13.40 42.95
C ALA C 106 -12.15 -14.26 42.37
N ALA C 107 -12.24 -14.35 41.03
CA ALA C 107 -13.25 -15.21 40.36
C ALA C 107 -12.68 -16.62 40.14
N PRO C 108 -13.52 -17.66 40.20
CA PRO C 108 -13.07 -19.05 39.99
C PRO C 108 -12.42 -19.30 38.63
N LEU C 109 -11.37 -20.13 38.56
CA LEU C 109 -10.78 -20.48 37.28
C LEU C 109 -11.83 -20.72 36.21
N LYS C 110 -12.73 -21.66 36.47
CA LYS C 110 -13.70 -22.12 35.48
C LYS C 110 -14.67 -21.03 35.00
N GLU C 111 -14.62 -19.86 35.63
CA GLU C 111 -15.41 -18.72 35.17
C GLU C 111 -14.68 -17.37 35.35
N GLY C 112 -13.49 -17.24 34.77
CA GLY C 112 -12.78 -15.97 34.75
C GLY C 112 -11.32 -15.95 35.14
N GLY C 113 -10.95 -16.71 36.16
CA GLY C 113 -9.58 -16.73 36.62
C GLY C 113 -8.65 -17.09 35.49
N LEU C 114 -9.10 -18.05 34.68
CA LEU C 114 -8.43 -18.52 33.48
C LEU C 114 -8.31 -17.42 32.40
N TRP C 115 -9.39 -16.65 32.21
CA TRP C 115 -9.37 -15.50 31.31
C TRP C 115 -8.29 -14.51 31.76
N LEU C 116 -8.36 -14.12 33.03
CA LEU C 116 -7.39 -13.21 33.62
C LEU C 116 -5.97 -13.73 33.52
N ILE C 117 -5.77 -15.00 33.79
CA ILE C 117 -4.45 -15.59 33.66
C ILE C 117 -4.01 -15.44 32.20
N ALA C 118 -4.84 -15.92 31.28
CA ALA C 118 -4.49 -15.81 29.86
C ALA C 118 -4.24 -14.33 29.49
N SER C 119 -5.11 -13.44 29.93
CA SER C 119 -4.87 -12.02 29.70
C SER C 119 -3.54 -11.53 30.30
N PHE C 120 -3.15 -12.04 31.47
CA PHE C 120 -1.88 -11.66 32.08
C PHE C 120 -0.74 -12.06 31.14
N PHE C 121 -0.68 -13.33 30.74
CA PHE C 121 0.35 -13.74 29.76
C PHE C 121 0.38 -12.88 28.46
N MET C 122 -0.80 -12.52 27.94
CA MET C 122 -0.88 -11.64 26.78
C MET C 122 -0.26 -10.24 27.04
N PHE C 123 -0.64 -9.61 28.14
CA PHE C 123 -0.11 -8.31 28.50
C PHE C 123 1.42 -8.31 28.52
N VAL C 124 2.04 -9.30 29.15
CA VAL C 124 3.50 -9.31 29.17
C VAL C 124 4.08 -9.67 27.79
N ALA C 125 3.42 -10.55 27.05
CA ALA C 125 3.90 -10.86 25.70
C ALA C 125 3.96 -9.62 24.76
N VAL C 126 2.95 -8.76 24.89
CA VAL C 126 2.79 -7.66 23.95
C VAL C 126 3.76 -6.52 24.34
N TRP C 127 3.74 -6.13 25.61
CA TRP C 127 4.62 -5.07 26.06
C TRP C 127 6.12 -5.42 25.90
N SER C 128 6.48 -6.66 26.21
CA SER C 128 7.85 -7.07 26.06
C SER C 128 8.18 -7.07 24.57
N TRP C 129 7.20 -7.41 23.74
CA TRP C 129 7.42 -7.36 22.30
C TRP C 129 7.52 -5.92 21.82
N TRP C 130 6.77 -5.01 22.45
CA TRP C 130 6.88 -3.59 22.11
C TRP C 130 8.30 -3.20 22.37
N GLY C 131 8.73 -3.35 23.62
CA GLY C 131 10.07 -2.97 24.01
C GLY C 131 11.14 -3.57 23.10
N ARG C 132 10.87 -4.79 22.65
CA ARG C 132 11.67 -5.41 21.61
C ARG C 132 11.72 -4.55 20.35
N THR C 133 10.60 -4.01 19.86
CA THR C 133 10.69 -3.22 18.62
C THR C 133 11.54 -1.99 18.84
N TYR C 134 11.49 -1.40 20.02
CA TYR C 134 12.33 -0.25 20.31
C TYR C 134 13.84 -0.59 20.37
N LEU C 135 14.18 -1.60 21.15
CA LEU C 135 15.55 -2.05 21.34
C LEU C 135 16.23 -2.59 20.05
N ARG C 136 15.51 -3.28 19.17
CA ARG C 136 16.13 -3.73 17.93
C ARG C 136 16.52 -2.59 16.98
N ALA C 137 15.74 -1.50 17.07
CA ALA C 137 16.05 -0.22 16.42
C ALA C 137 17.26 0.47 17.07
N GLN C 138 17.19 0.69 18.39
CA GLN C 138 18.32 1.22 19.15
C GLN C 138 19.63 0.55 18.72
N ALA C 139 19.76 -0.75 18.94
CA ALA C 139 20.99 -1.44 18.64
C ALA C 139 21.47 -1.12 17.22
N LEU C 140 20.56 -0.85 16.29
CA LEU C 140 20.97 -0.63 14.90
C LEU C 140 21.20 0.85 14.52
N GLY C 141 21.02 1.78 15.45
CA GLY C 141 21.23 3.19 15.16
C GLY C 141 20.02 3.90 14.55
N MET C 142 19.00 3.09 14.28
CA MET C 142 17.77 3.47 13.57
C MET C 142 16.76 4.29 14.37
N GLY C 143 15.87 4.97 13.67
CA GLY C 143 14.85 5.74 14.32
C GLY C 143 13.80 4.86 15.01
N LYS C 144 12.93 5.49 15.81
CA LYS C 144 12.00 4.76 16.67
C LYS C 144 10.58 4.62 16.10
N HIS C 145 10.45 4.83 14.79
CA HIS C 145 9.17 4.82 14.10
C HIS C 145 8.36 3.55 14.27
N THR C 146 8.97 2.39 14.02
CA THR C 146 8.29 1.13 14.24
C THR C 146 7.70 0.98 15.67
N ALA C 147 8.47 1.29 16.71
CA ALA C 147 7.92 1.24 18.06
C ALA C 147 6.86 2.28 18.27
N TRP C 148 7.02 3.50 17.72
CA TRP C 148 5.90 4.45 17.85
C TRP C 148 4.69 3.90 17.16
N ALA C 149 4.81 3.39 15.94
CA ALA C 149 3.63 2.91 15.22
C ALA C 149 3.01 1.73 15.93
N PHE C 150 3.82 0.89 16.53
CA PHE C 150 3.28 -0.29 17.19
C PHE C 150 2.45 0.15 18.40
N LEU C 151 2.86 1.25 19.00
CA LEU C 151 2.13 1.81 20.11
C LEU C 151 0.68 2.15 19.70
N SER C 152 0.49 2.50 18.43
CA SER C 152 -0.82 2.87 17.94
C SER C 152 -1.78 1.67 17.89
N ALA C 153 -1.30 0.54 17.38
CA ALA C 153 -2.02 -0.73 17.51
C ALA C 153 -2.22 -1.10 19.00
N ILE C 154 -1.18 -0.98 19.80
CA ILE C 154 -1.27 -1.39 21.19
C ILE C 154 -2.41 -0.62 21.86
N TRP C 155 -2.55 0.65 21.51
CA TRP C 155 -3.58 1.54 22.10
C TRP C 155 -5.01 0.93 22.03
N LEU C 156 -5.44 0.54 20.82
CA LEU C 156 -6.74 -0.10 20.62
C LEU C 156 -6.90 -1.35 21.49
N TRP C 157 -5.85 -2.18 21.44
CA TRP C 157 -5.82 -3.43 22.18
C TRP C 157 -5.86 -3.15 23.67
N MET C 158 -5.16 -2.11 24.13
CA MET C 158 -5.20 -1.81 25.55
C MET C 158 -6.58 -1.31 25.98
N VAL C 159 -7.20 -0.51 25.11
CA VAL C 159 -8.50 0.09 25.39
C VAL C 159 -9.54 -1.04 25.49
N LEU C 160 -9.56 -1.95 24.51
CA LEU C 160 -10.53 -3.05 24.48
C LEU C 160 -10.44 -4.00 25.66
N GLY C 161 -9.23 -4.47 25.94
CA GLY C 161 -9.01 -5.48 26.96
C GLY C 161 -8.73 -4.99 28.36
N PHE C 162 -8.33 -3.73 28.53
CA PHE C 162 -7.76 -3.28 29.81
C PHE C 162 -8.26 -1.86 30.25
N ILE C 163 -7.92 -0.81 29.51
CA ILE C 163 -8.36 0.54 29.91
C ILE C 163 -9.89 0.68 30.05
N ARG C 164 -10.65 0.31 29.00
CA ARG C 164 -12.12 0.35 29.05
C ARG C 164 -12.75 -0.50 30.19
N PRO C 165 -12.41 -1.79 30.31
CA PRO C 165 -12.94 -2.57 31.44
C PRO C 165 -12.76 -1.86 32.77
N ILE C 166 -11.55 -1.35 33.04
CA ILE C 166 -11.26 -0.66 34.29
C ILE C 166 -12.15 0.55 34.46
N LEU C 167 -12.18 1.43 33.46
CA LEU C 167 -13.01 2.62 33.54
C LEU C 167 -14.47 2.23 33.74
N MET C 168 -14.94 1.26 32.97
CA MET C 168 -16.30 0.77 33.06
C MET C 168 -16.67 0.12 34.41
N GLY C 169 -15.68 -0.26 35.21
CA GLY C 169 -15.98 -0.92 36.47
C GLY C 169 -15.86 -2.44 36.56
N SER C 170 -15.66 -3.16 35.43
CA SER C 170 -15.54 -4.64 35.47
C SER C 170 -14.87 -5.33 34.27
N TRP C 171 -14.17 -6.44 34.54
CA TRP C 171 -13.54 -7.28 33.48
C TRP C 171 -14.55 -7.92 32.52
N SER C 172 -15.84 -7.83 32.83
CA SER C 172 -16.85 -8.51 32.03
C SER C 172 -17.07 -7.73 30.77
N GLU C 173 -16.57 -6.49 30.78
CA GLU C 173 -16.68 -5.61 29.63
C GLU C 173 -15.75 -6.01 28.50
N ALA C 174 -14.69 -6.75 28.84
CA ALA C 174 -13.61 -7.11 27.93
C ALA C 174 -13.90 -8.20 26.86
N VAL C 175 -12.96 -8.42 25.96
CA VAL C 175 -13.19 -9.33 24.84
C VAL C 175 -12.80 -10.76 25.18
N PRO C 176 -13.64 -11.72 24.82
CA PRO C 176 -13.34 -13.15 25.02
C PRO C 176 -12.34 -13.73 24.04
N TYR C 177 -11.70 -14.84 24.42
CA TYR C 177 -10.83 -15.52 23.50
C TYR C 177 -11.60 -16.60 22.76
N GLY C 178 -12.04 -16.30 21.54
CA GLY C 178 -12.63 -17.28 20.65
C GLY C 178 -12.67 -16.72 19.23
N ILE C 179 -12.65 -17.59 18.21
CA ILE C 179 -12.81 -17.13 16.84
C ILE C 179 -14.22 -16.55 16.62
N PHE C 180 -15.26 -17.40 16.70
CA PHE C 180 -16.61 -16.86 16.60
C PHE C 180 -16.98 -15.95 17.78
N SER C 181 -16.53 -16.23 19.00
CA SER C 181 -17.06 -15.44 20.12
C SER C 181 -16.70 -13.96 20.06
N HIS C 182 -15.49 -13.69 19.55
CA HIS C 182 -14.98 -12.32 19.41
C HIS C 182 -15.81 -11.49 18.41
N LEU C 183 -16.27 -12.11 17.32
CA LEU C 183 -17.17 -11.47 16.37
C LEU C 183 -18.51 -11.19 16.98
N ASP C 184 -19.00 -12.11 17.81
CA ASP C 184 -20.27 -11.83 18.48
C ASP C 184 -20.14 -10.68 19.43
N TRP C 185 -19.11 -10.71 20.29
CA TRP C 185 -18.75 -9.56 21.13
C TRP C 185 -18.76 -8.30 20.30
N THR C 186 -18.05 -8.32 19.18
CA THR C 186 -17.98 -7.15 18.34
C THR C 186 -19.37 -6.64 17.94
N ASN C 187 -20.21 -7.55 17.40
CA ASN C 187 -21.57 -7.16 16.98
C ASN C 187 -22.33 -6.61 18.13
N ASN C 188 -22.26 -7.31 19.25
CA ASN C 188 -23.08 -6.93 20.38
C ASN C 188 -22.68 -5.54 20.96
N PHE C 189 -21.38 -5.30 21.11
CA PHE C 189 -20.88 -3.95 21.40
C PHE C 189 -21.57 -2.83 20.58
N SER C 190 -21.59 -2.97 19.25
CA SER C 190 -22.18 -1.94 18.43
C SER C 190 -23.65 -1.81 18.75
N LEU C 191 -24.35 -2.96 18.79
CA LEU C 191 -25.81 -3.01 19.05
C LEU C 191 -26.16 -2.30 20.34
N VAL C 192 -25.41 -2.62 21.39
CA VAL C 192 -25.65 -2.13 22.73
C VAL C 192 -25.29 -0.65 22.92
N HIS C 193 -24.68 -0.03 21.90
CA HIS C 193 -24.17 1.36 21.98
C HIS C 193 -24.78 2.25 20.89
N GLY C 194 -25.82 1.79 20.24
CA GLY C 194 -26.60 2.69 19.41
C GLY C 194 -26.12 2.62 17.98
N ASN C 195 -25.31 1.60 17.72
CA ASN C 195 -24.72 1.45 16.41
C ASN C 195 -23.46 2.32 16.22
N LEU C 196 -22.30 1.67 16.10
CA LEU C 196 -21.06 2.42 15.95
C LEU C 196 -21.05 3.31 14.71
N PHE C 197 -21.83 3.00 13.68
CA PHE C 197 -21.89 3.91 12.54
C PHE C 197 -22.24 5.33 12.98
N TYR C 198 -22.65 5.51 14.22
CA TYR C 198 -22.94 6.88 14.62
C TYR C 198 -21.79 7.42 15.46
N ASN C 199 -20.70 6.69 15.53
CA ASN C 199 -19.57 7.18 16.28
C ASN C 199 -18.60 7.82 15.28
N PRO C 200 -18.40 9.16 15.38
CA PRO C 200 -17.58 9.90 14.40
C PRO C 200 -16.17 9.30 14.38
N PHE C 201 -15.72 8.83 15.53
CA PHE C 201 -14.46 8.12 15.58
C PHE C 201 -14.42 6.79 14.86
N HIS C 202 -15.48 5.94 14.93
CA HIS C 202 -15.56 4.66 14.16
C HIS C 202 -15.43 5.04 12.69
N GLY C 203 -16.18 6.05 12.29
CA GLY C 203 -16.24 6.46 10.89
C GLY C 203 -14.90 7.01 10.43
N LEU C 204 -14.17 7.70 11.30
CA LEU C 204 -12.82 8.14 10.99
C LEU C 204 -11.91 6.94 10.74
N SER C 205 -11.88 6.06 11.73
CA SER C 205 -11.21 4.78 11.63
C SER C 205 -11.45 4.11 10.28
N ILE C 206 -12.69 4.15 9.83
CA ILE C 206 -12.96 3.47 8.58
C ILE C 206 -12.21 4.19 7.44
N ALA C 207 -12.30 5.52 7.45
CA ALA C 207 -11.75 6.36 6.41
C ALA C 207 -10.25 6.04 6.27
N PHE C 208 -9.59 5.93 7.43
CA PHE C 208 -8.20 5.54 7.47
C PHE C 208 -7.91 4.09 7.01
N LEU C 209 -8.71 3.15 7.52
CA LEU C 209 -8.62 1.77 7.12
C LEU C 209 -8.73 1.65 5.61
N TYR C 210 -9.80 2.21 5.05
CA TYR C 210 -9.96 2.24 3.59
C TYR C 210 -8.77 2.96 2.96
N GLY C 211 -8.35 4.06 3.62
CA GLY C 211 -7.36 5.00 3.10
C GLY C 211 -6.04 4.30 2.95
N SER C 212 -5.73 3.46 3.94
CA SER C 212 -4.57 2.61 3.91
C SER C 212 -4.63 1.67 2.74
N ALA C 213 -5.79 1.12 2.43
CA ALA C 213 -5.85 0.21 1.29
C ALA C 213 -5.58 1.01 0.02
N LEU C 214 -6.23 2.15 -0.08
CA LEU C 214 -6.01 3.10 -1.17
C LEU C 214 -4.51 3.59 -1.25
N LEU C 215 -3.95 4.11 -0.13
CA LEU C 215 -2.56 4.58 -0.14
C LEU C 215 -1.56 3.56 -0.57
N PHE C 216 -1.68 2.33 -0.05
CA PHE C 216 -0.67 1.32 -0.29
C PHE C 216 -0.86 0.75 -1.66
N ALA C 217 -2.10 0.76 -2.14
CA ALA C 217 -2.34 0.30 -3.51
C ALA C 217 -1.61 1.28 -4.41
N MET C 218 -1.81 2.55 -4.11
CA MET C 218 -1.22 3.62 -4.87
C MET C 218 0.33 3.55 -4.77
N HIS C 219 0.86 3.47 -3.53
CA HIS C 219 2.30 3.52 -3.30
C HIS C 219 2.94 2.33 -4.02
N GLY C 220 2.47 1.14 -3.59
CA GLY C 220 2.94 -0.13 -4.07
C GLY C 220 2.92 -0.05 -5.56
N ALA C 221 1.79 0.35 -6.13
CA ALA C 221 1.65 0.29 -7.60
C ALA C 221 2.66 1.23 -8.28
N THR C 222 2.91 2.39 -7.63
CA THR C 222 3.73 3.45 -8.16
C THR C 222 5.18 2.95 -8.24
N ILE C 223 5.69 2.51 -7.07
CA ILE C 223 7.04 1.94 -6.98
C ILE C 223 7.22 0.85 -8.02
N LEU C 224 6.32 -0.11 -8.05
CA LEU C 224 6.34 -1.05 -9.17
C LEU C 224 6.38 -0.40 -10.53
N ALA C 225 5.61 0.64 -10.82
CA ALA C 225 5.66 1.26 -12.19
C ALA C 225 6.99 1.92 -12.54
N VAL C 226 7.62 2.53 -11.52
CA VAL C 226 8.87 3.23 -11.68
C VAL C 226 10.03 2.36 -11.17
N SER C 227 9.82 1.06 -11.07
CA SER C 227 10.93 0.18 -10.67
C SER C 227 11.94 -0.14 -11.78
N ARG C 228 11.64 0.21 -13.02
CA ARG C 228 12.55 0.03 -14.15
C ARG C 228 13.57 1.18 -14.14
N PHE C 229 13.43 2.08 -13.18
CA PHE C 229 14.44 3.11 -12.98
C PHE C 229 14.88 2.99 -11.55
N GLY C 230 14.82 1.81 -10.95
CA GLY C 230 15.31 1.61 -9.61
C GLY C 230 14.48 2.20 -8.46
N GLY C 231 13.20 2.42 -8.74
CA GLY C 231 12.33 3.05 -7.79
C GLY C 231 12.36 2.47 -6.40
N GLU C 232 12.47 1.14 -6.27
CA GLU C 232 12.23 0.48 -4.96
C GLU C 232 13.34 0.75 -3.99
N ARG C 233 14.38 1.41 -4.52
CA ARG C 233 15.56 1.69 -3.75
C ARG C 233 15.35 3.07 -3.16
N GLU C 234 14.40 3.13 -2.24
CA GLU C 234 13.77 4.37 -1.91
C GLU C 234 14.78 5.23 -1.15
N LEU C 235 15.55 4.64 -0.24
CA LEU C 235 16.46 5.50 0.53
C LEU C 235 17.55 6.27 -0.33
N GLU C 236 18.15 5.60 -1.30
CA GLU C 236 19.05 6.30 -2.18
C GLU C 236 18.31 7.29 -3.02
N GLN C 237 17.02 7.06 -3.26
CA GLN C 237 16.27 8.05 -4.01
C GLN C 237 15.95 9.23 -3.08
N ILE C 238 15.98 8.99 -1.78
CA ILE C 238 15.79 10.07 -0.83
C ILE C 238 17.02 10.93 -0.81
N ALA C 239 18.19 10.31 -0.99
CA ALA C 239 19.46 10.99 -0.78
C ALA C 239 19.93 11.58 -2.09
N ASP C 240 19.15 11.39 -3.16
CA ASP C 240 19.67 11.65 -4.46
C ASP C 240 18.64 11.20 -5.47
N ARG C 241 17.61 12.04 -5.54
CA ARG C 241 16.45 11.82 -6.40
C ARG C 241 16.90 11.40 -7.79
N GLY C 242 16.26 10.38 -8.36
CA GLY C 242 16.57 9.85 -9.67
C GLY C 242 15.34 10.07 -10.49
N THR C 243 15.39 9.74 -11.78
CA THR C 243 14.23 9.89 -12.65
C THR C 243 13.03 9.04 -12.19
N ALA C 244 13.32 7.97 -11.41
CA ALA C 244 12.32 7.18 -10.67
C ALA C 244 11.51 8.10 -9.75
N ALA C 245 12.13 8.77 -8.79
CA ALA C 245 11.34 9.64 -7.90
C ALA C 245 10.54 10.69 -8.67
N GLU C 246 11.09 11.09 -9.80
CA GLU C 246 10.51 12.21 -10.50
C GLU C 246 9.28 11.80 -11.26
N ARG C 247 9.41 10.76 -12.09
CA ARG C 247 8.26 10.23 -12.83
C ARG C 247 7.14 9.81 -11.84
N ALA C 248 7.53 9.17 -10.72
CA ALA C 248 6.58 8.87 -9.65
C ALA C 248 5.80 10.13 -9.26
N ALA C 249 6.48 11.18 -8.81
CA ALA C 249 5.80 12.41 -8.40
C ALA C 249 4.97 13.03 -9.51
N LEU C 250 5.44 12.92 -10.73
CA LEU C 250 4.80 13.63 -11.81
C LEU C 250 3.57 12.92 -12.27
N PHE C 251 3.52 11.60 -12.08
CA PHE C 251 2.31 10.86 -12.40
C PHE C 251 1.18 11.40 -11.55
N TRP C 252 1.46 11.62 -10.28
CA TRP C 252 0.40 12.05 -9.41
C TRP C 252 0.07 13.52 -9.52
N ARG C 253 1.07 14.33 -9.87
CA ARG C 253 0.89 15.75 -9.97
C ARG C 253 0.02 15.94 -11.20
N TRP C 254 0.30 15.23 -12.29
CA TRP C 254 -0.55 15.36 -13.49
C TRP C 254 -1.95 14.75 -13.34
N THR C 255 -2.06 13.72 -12.52
CA THR C 255 -3.35 13.07 -12.29
C THR C 255 -4.29 13.92 -11.41
N MET C 256 -3.84 14.21 -10.18
CA MET C 256 -4.65 14.80 -9.15
C MET C 256 -4.15 16.14 -8.65
N GLY C 257 -3.05 16.63 -9.22
CA GLY C 257 -2.61 18.01 -9.03
C GLY C 257 -1.72 18.30 -7.84
N PHE C 258 -1.26 17.28 -7.15
CA PHE C 258 -0.20 17.40 -6.15
C PHE C 258 0.55 16.07 -6.00
N ASN C 259 1.57 16.03 -5.16
CA ASN C 259 2.39 14.87 -5.16
C ASN C 259 3.27 14.79 -3.96
N ALA C 260 3.86 13.63 -3.78
CA ALA C 260 4.74 13.42 -2.66
C ALA C 260 6.25 13.51 -3.06
N THR C 261 7.08 13.40 -2.04
CA THR C 261 8.49 13.09 -2.20
C THR C 261 8.69 11.60 -1.86
N MET C 262 9.79 11.03 -2.32
CA MET C 262 10.19 9.69 -1.96
C MET C 262 10.42 9.47 -0.45
N GLU C 263 10.54 10.54 0.35
CA GLU C 263 10.47 10.35 1.80
C GLU C 263 9.08 10.74 2.30
N GLY C 264 8.53 11.87 1.84
CA GLY C 264 7.20 12.30 2.32
C GLY C 264 6.11 11.22 2.24
N ILE C 265 6.02 10.53 1.10
CA ILE C 265 5.12 9.38 0.90
C ILE C 265 5.06 8.43 2.09
N HIS C 266 6.24 8.12 2.64
CA HIS C 266 6.35 7.24 3.78
C HIS C 266 5.77 7.91 5.03
N ARG C 267 5.69 9.21 5.09
CA ARG C 267 5.07 9.85 6.27
C ARG C 267 3.52 9.84 6.15
N TRP C 268 3.04 10.05 4.91
CA TRP C 268 1.65 9.76 4.54
C TRP C 268 1.31 8.33 5.00
N ALA C 269 2.10 7.35 4.57
CA ALA C 269 1.89 5.96 4.96
C ALA C 269 1.81 5.78 6.47
N ILE C 270 2.87 6.11 7.18
CA ILE C 270 2.85 5.80 8.57
C ILE C 270 1.62 6.42 9.25
N TRP C 271 1.13 7.57 8.77
CA TRP C 271 0.05 8.25 9.51
C TRP C 271 -1.32 7.67 9.13
N MET C 272 -1.53 7.41 7.82
CA MET C 272 -2.78 6.77 7.36
C MET C 272 -3.02 5.55 8.26
N ALA C 273 -2.10 4.58 8.20
CA ALA C 273 -2.10 3.44 9.08
C ALA C 273 -2.22 3.76 10.59
N VAL C 274 -1.33 4.51 11.22
CA VAL C 274 -1.47 4.62 12.68
C VAL C 274 -2.79 5.24 13.06
N LEU C 275 -3.37 6.03 12.17
CA LEU C 275 -4.60 6.75 12.58
C LEU C 275 -5.84 5.86 12.65
N VAL C 276 -5.80 4.74 11.92
CA VAL C 276 -6.81 3.68 12.05
C VAL C 276 -6.97 3.32 13.52
N THR C 277 -5.98 2.70 14.13
CA THR C 277 -6.15 2.36 15.51
C THR C 277 -6.15 3.53 16.46
N LEU C 278 -5.77 4.73 16.03
CA LEU C 278 -5.75 5.85 16.98
C LEU C 278 -7.16 6.39 17.29
N THR C 279 -7.81 6.90 16.25
CA THR C 279 -9.22 7.18 16.27
C THR C 279 -10.01 5.98 16.85
N GLY C 280 -9.79 4.79 16.27
CA GLY C 280 -10.46 3.58 16.69
C GLY C 280 -10.49 3.44 18.19
N GLY C 281 -9.37 3.65 18.83
CA GLY C 281 -9.27 3.39 20.25
C GLY C 281 -10.01 4.42 21.05
N ILE C 282 -9.94 5.68 20.59
CA ILE C 282 -10.70 6.76 21.21
C ILE C 282 -12.21 6.42 21.13
N GLY C 283 -12.63 6.13 19.90
CA GLY C 283 -13.97 5.67 19.63
C GLY C 283 -14.53 4.63 20.59
N ILE C 284 -13.79 3.54 20.79
CA ILE C 284 -14.15 2.54 21.80
C ILE C 284 -14.06 3.10 23.23
N LEU C 285 -12.94 3.71 23.60
CA LEU C 285 -12.75 4.15 24.97
C LEU C 285 -13.91 5.03 25.43
N LEU C 286 -14.40 5.87 24.51
CA LEU C 286 -15.50 6.76 24.86
C LEU C 286 -16.81 6.00 25.13
N SER C 287 -16.97 4.84 24.47
CA SER C 287 -18.21 4.09 24.45
C SER C 287 -18.58 3.48 25.81
N GLY C 288 -19.65 4.01 26.40
CA GLY C 288 -20.08 3.52 27.70
C GLY C 288 -19.45 4.27 28.86
N THR C 289 -18.24 4.77 28.67
CA THR C 289 -17.66 5.58 29.71
C THR C 289 -18.28 6.97 29.67
N VAL C 290 -18.70 7.44 28.49
CA VAL C 290 -19.09 8.84 28.32
C VAL C 290 -20.32 8.97 27.43
N VAL C 291 -20.42 8.09 26.44
CA VAL C 291 -21.53 8.06 25.49
C VAL C 291 -22.13 6.64 25.53
N ASP C 292 -23.42 6.52 25.92
CA ASP C 292 -24.11 5.21 25.93
C ASP C 292 -24.71 4.88 24.59
N ASN C 293 -25.00 5.88 23.79
CA ASN C 293 -25.70 5.64 22.57
C ASN C 293 -25.25 6.62 21.48
N TRP C 294 -24.42 6.13 20.56
CA TRP C 294 -23.89 7.00 19.52
C TRP C 294 -25.00 7.62 18.67
N TYR C 295 -26.12 6.91 18.42
CA TYR C 295 -27.28 7.58 17.81
C TYR C 295 -27.79 8.80 18.62
N VAL C 296 -27.96 8.59 19.94
CA VAL C 296 -28.45 9.63 20.83
C VAL C 296 -27.50 10.82 20.86
N TRP C 297 -26.25 10.60 21.27
CA TRP C 297 -25.17 11.57 21.17
C TRP C 297 -25.22 12.30 19.85
N GLY C 298 -25.27 11.55 18.76
CA GLY C 298 -25.29 12.15 17.45
C GLY C 298 -26.45 13.07 17.17
N GLN C 299 -27.45 13.07 18.03
CA GLN C 299 -28.67 13.78 17.69
C GLN C 299 -28.50 15.19 18.20
N ASN C 300 -27.86 15.32 19.35
CA ASN C 300 -27.49 16.62 19.92
C ASN C 300 -26.15 17.15 19.37
N HIS C 301 -25.74 16.61 18.21
CA HIS C 301 -24.38 16.63 17.66
C HIS C 301 -23.24 16.60 18.71
N GLY C 302 -23.63 16.80 19.98
CA GLY C 302 -22.74 16.78 21.14
C GLY C 302 -23.50 16.09 22.26
N MET C 303 -24.36 15.25 22.05
C1 GOL D . 13.56 15.66 10.55
O1 GOL D . 13.68 14.39 11.18
C2 GOL D . 12.26 16.41 10.91
O2 GOL D . 12.44 17.79 10.66
C3 GOL D . 11.05 15.90 10.11
O3 GOL D . 11.17 16.23 8.72
C1 GOL E . -4.47 23.12 7.27
O1 GOL E . -4.19 24.32 7.98
C2 GOL E . -5.28 23.32 5.97
O2 GOL E . -4.41 23.30 4.85
C3 GOL E . -6.36 22.23 5.81
O3 GOL E . -6.20 21.43 4.66
N1 LDA F . -6.29 -17.47 0.48
O1 LDA F . -7.15 -18.17 -0.09
CM1 LDA F . -5.01 -18.22 0.43
CM2 LDA F . -6.17 -16.23 -0.30
C1 LDA F . -6.76 -17.22 1.85
C2 LDA F . -5.70 -16.61 2.78
C3 LDA F . -6.30 -15.52 3.67
C4 LDA F . -5.79 -15.53 5.11
C5 LDA F . -5.73 -14.10 5.68
C6 LDA F . -4.36 -13.75 6.27
C7 LDA F . -3.47 -13.01 5.25
C8 LDA F . -2.00 -13.44 5.36
C9 LDA F . -1.16 -13.04 4.14
C10 LDA F . 0.34 -13.23 4.41
C11 LDA F . 1.08 -11.95 4.81
C12 LDA F . 1.29 -11.80 6.31
MG BCL G . -18.58 4.77 1.96
CHA BCL G . -17.59 6.10 4.92
CHB BCL G . -17.27 7.51 0.41
CHC BCL G . -18.68 3.12 -0.91
CHD BCL G . -18.87 1.74 3.53
NA BCL G . -17.77 6.55 2.55
C1A BCL G . -17.22 6.83 3.80
C2A BCL G . -16.69 8.23 3.88
C3A BCL G . -17.04 8.78 2.51
C4A BCL G . -17.67 7.66 1.75
CMA BCL G . -18.11 9.83 2.64
CAA BCL G . -15.16 8.12 4.00
CBA BCL G . -14.51 7.49 2.75
CGA BCL G . -13.02 7.20 2.77
O1A BCL G . -12.19 7.67 3.79
O2A BCL G . -12.46 6.50 1.87
NB BCL G . -18.25 5.33 0.02
C1B BCL G . -17.84 6.56 -0.44
C2B BCL G . -17.84 6.47 -1.87
C3B BCL G . -18.23 5.21 -2.24
C4B BCL G . -18.51 4.53 -1.07
CMB BCL G . -17.44 7.68 -2.65
CAB BCL G . -18.39 4.70 -3.64
OBB BCL G . -18.50 5.50 -4.61
CBB BCL G . -18.44 3.24 -3.85
NC BCL G . -19.00 2.84 1.37
C1C BCL G . -19.41 2.59 0.14
C2C BCL G . -19.91 1.19 0.01
C3C BCL G . -19.63 0.61 1.38
C4C BCL G . -19.41 1.87 2.17
CMC BCL G . -21.41 1.19 -0.31
CAC BCL G . -18.40 -0.30 1.36
CBC BCL G . -17.17 0.30 0.65
ND BCL G . -18.44 4.06 3.83
C1D BCL G . -18.92 2.86 4.31
C2D BCL G . -18.74 2.93 5.70
C3D BCL G . -18.22 4.21 6.00
C4D BCL G . -18.06 4.83 4.81
CMD BCL G . -19.05 1.95 6.80
CAD BCL G . -17.81 5.03 7.01
OBD BCL G . -17.84 4.78 8.39
CBD BCL G . -17.35 6.33 6.41
CGD BCL G . -18.15 7.45 7.00
O1D BCL G . -17.84 7.80 8.18
O2D BCL G . -19.13 7.99 6.39
CED BCL G . -20.16 8.65 7.08
C1 BCL G . -11.07 6.28 1.95
C2 BCL G . -10.46 7.08 0.83
C3 BCL G . -9.90 8.37 0.95
C4 BCL G . -9.27 8.90 2.22
C5 BCL G . -9.99 9.24 -0.27
C6 BCL G . -10.92 10.40 0.07
C7 BCL G . -12.13 10.42 -0.83
C8 BCL G . -13.42 10.79 -0.09
C9 BCL G . -13.23 11.74 1.11
C10 BCL G . -14.39 11.37 -1.11
C11 BCL G . -15.82 11.53 -0.56
C12 BCL G . -16.70 12.16 -1.62
C13 BCL G . -18.09 12.34 -1.05
C14 BCL G . -18.23 13.71 -0.39
C15 BCL G . -19.05 12.04 -2.20
C16 BCL G . -19.35 13.25 -3.05
C17 BCL G . -19.17 12.98 -4.53
C18 BCL G . -18.82 14.28 -5.23
C19 BCL G . -18.23 14.02 -6.61
C20 BCL G . -20.06 15.14 -5.37
N1 LDA H . -20.23 20.74 4.83
O1 LDA H . -19.45 20.96 5.80
CM1 LDA H . -21.58 21.17 5.26
CM2 LDA H . -19.84 21.60 3.67
C1 LDA H . -20.25 19.28 4.54
C2 LDA H . -18.95 18.67 3.98
C3 LDA H . -19.18 17.46 3.06
C4 LDA H . -18.61 17.62 1.64
C5 LDA H . -19.50 18.37 0.62
C6 LDA H . -19.83 17.60 -0.68
C7 LDA H . -21.29 17.72 -1.18
C8 LDA H . -22.25 16.63 -0.70
C9 LDA H . -22.61 15.52 -1.70
C10 LDA H . -23.77 14.62 -1.22
C11 LDA H . -23.58 13.14 -1.49
C12 LDA H . -24.39 12.64 -2.67
O1D BPH I . -6.75 9.26 -8.55
CGD BPH I . -6.54 8.26 -7.61
O2D BPH I . -5.83 8.49 -6.60
CED BPH I . -6.18 9.54 -5.75
CBD BPH I . -7.18 6.92 -7.90
CHA BPH I . -8.22 6.39 -6.94
C4D BPH I . -7.89 5.06 -6.69
C3D BPH I . -6.85 4.69 -7.51
CAD BPH I . -6.16 5.82 -7.96
OBD BPH I . -5.30 5.81 -9.09
C2D BPH I . -6.41 3.38 -6.96
CMD BPH I . -5.09 2.79 -7.38
C1D BPH I . -7.26 3.16 -5.86
ND BPH I . -8.15 4.20 -5.67
CHD BPH I . -7.20 1.95 -4.96
C4C BPH I . -8.24 1.65 -3.98
C3C BPH I . -8.28 0.46 -3.02
CAC BPH I . -7.90 -0.92 -3.55
CBC BPH I . -8.24 -1.09 -5.03
C2C BPH I . -9.68 0.57 -2.37
CMC BPH I . -9.59 0.45 -0.85
C1C BPH I . -9.99 2.00 -2.74
NC BPH I . -9.29 2.45 -3.80
CHC BPH I . -10.87 2.86 -1.96
C4B BPH I . -11.79 3.89 -2.53
C3B BPH I . -12.86 4.36 -1.78
CAB BPH I . -13.25 3.75 -0.45
CBB BPH I . -12.33 2.83 0.28
OBB BPH I . -14.49 4.04 0.11
C2B BPH I . -13.07 5.69 -2.15
CMB BPH I . -13.86 6.75 -1.43
C1B BPH I . -12.06 5.92 -3.11
NB BPH I . -11.26 4.86 -3.33
CHB BPH I . -11.84 7.22 -3.86
C4A BPH I . -10.84 7.48 -4.91
C3A BPH I . -10.57 8.84 -5.47
CMA BPH I . -9.73 9.60 -4.46
C2A BPH I . -9.79 8.49 -6.74
C1A BPH I . -9.31 7.09 -6.43
NA BPH I . -10.07 6.55 -5.51
CAA BPH I . -10.71 8.48 -7.95
CBA BPH I . -11.01 9.89 -8.46
CGA BPH I . -11.88 9.86 -9.70
O1A BPH I . -12.25 8.64 -10.35
O2A BPH I . -12.31 10.94 -10.18
C1 BPH I . -13.01 10.98 -11.43
C2 BPH I . -14.39 11.54 -11.20
C3 BPH I . -14.63 12.58 -10.17
C4 BPH I . -13.59 13.62 -9.81
C5 BPH I . -15.95 12.60 -9.42
C6 BPH I . -17.07 11.98 -10.22
C7 BPH I . -18.38 12.44 -9.59
C8 BPH I . -19.57 11.56 -9.98
C9 BPH I . -19.90 11.57 -11.47
C10 BPH I . -20.76 11.86 -9.06
C11 BPH I . -20.58 11.09 -7.73
C12 BPH I . -21.25 9.72 -7.73
C13 BPH I . -21.00 8.84 -6.51
C14 BPH I . -21.41 7.39 -6.85
C15 BPH I . -21.65 9.38 -5.23
C16 BPH I . -21.09 8.73 -3.97
C17 BPH I . -21.71 9.35 -2.71
C18 BPH I . -21.20 8.71 -1.39
C19 BPH I . -21.71 9.40 -0.12
C20 BPH I . -21.40 7.18 -1.26
C1 UQ2 J . 7.77 -8.35 5.67
C1 UQ2 J . 10.82 -5.34 4.36
C2 UQ2 J . 8.16 -6.99 5.71
C2 UQ2 J . 11.34 -4.27 3.60
C3 UQ2 J . 7.18 -6.02 6.02
C3 UQ2 J . 10.75 -2.97 3.65
C4 UQ2 J . 5.90 -6.44 6.37
C4 UQ2 J . 9.63 -2.83 4.45
C5 UQ2 J . 5.53 -7.79 6.37
C5 UQ2 J . 9.11 -3.88 5.24
C6 UQ2 J . 6.48 -8.78 6.02
C6 UQ2 J . 9.70 -5.15 5.19
CM2 UQ2 J . 10.43 -6.51 5.44
CM2 UQ2 J . 13.66 -4.10 3.55
CM3 UQ2 J . 8.00 -3.89 6.50
CM3 UQ2 J . 11.84 -1.09 2.62
CM5 UQ2 J . 4.11 -8.12 6.75
CM5 UQ2 J . 7.92 -3.63 6.11
C7 UQ2 J . 6.23 -10.30 6.25
C7 UQ2 J . 9.33 -6.21 6.24
C8 UQ2 J . 6.07 -11.12 4.97
C8 UQ2 J . 8.13 -7.10 5.87
C9 UQ2 J . 5.62 -12.54 4.83
C9 UQ2 J . 7.83 -8.41 6.53
C10 UQ2 J . 4.65 -12.94 3.75
C10 UQ2 J . 8.86 -9.50 6.44
C11 UQ2 J . 6.17 -13.63 5.75
C11 UQ2 J . 6.52 -8.67 7.30
C12 UQ2 J . 6.04 -15.05 5.18
C12 UQ2 J . 6.14 -10.17 7.41
C13 UQ2 J . 7.38 -15.76 5.16
C13 UQ2 J . 5.73 -10.63 8.81
C14 UQ2 J . 7.79 -16.73 6.19
C14 UQ2 J . 4.40 -10.47 9.47
C15 UQ2 J . 8.61 -16.25 7.35
C15 UQ2 J . 4.32 -10.32 10.96
C16 UQ2 J . 7.41 -18.21 6.13
C16 UQ2 J . 3.07 -10.47 8.71
O1 UQ2 J . 8.55 -9.13 5.11
O1 UQ2 J . 11.32 -6.47 4.24
O2 UQ2 J . 9.27 -6.74 6.21
O2 UQ2 J . 12.40 -4.42 2.97
O3 UQ2 J . 7.36 -4.84 5.68
O3 UQ2 J . 11.52 -1.97 3.70
O4 UQ2 J . 5.06 -5.56 6.58
O4 UQ2 J . 8.93 -1.85 4.23
MG BCL K . -18.52 -5.18 6.29
CHA BCL K . -18.44 -4.47 2.95
CHB BCL K . -15.12 -4.65 6.26
CHC BCL K . -18.50 -5.60 9.56
CHD BCL K . -21.87 -4.92 6.22
NA BCL K . -17.06 -4.71 4.89
C1A BCL K . -17.26 -4.22 3.61
C2A BCL K . -15.97 -4.15 2.85
C3A BCL K . -14.97 -4.71 3.84
C4A BCL K . -15.73 -4.99 5.08
CMA BCL K . -14.54 -6.06 3.29
CAA BCL K . -15.71 -2.65 2.65
CBA BCL K . -14.50 -2.25 1.81
CGA BCL K . -14.86 -2.19 0.35
O1A BCL K . -15.77 -3.14 -0.13
O2A BCL K . -14.40 -1.33 -0.45
NB BCL K . -17.04 -5.02 7.69
C1B BCL K . -15.72 -4.75 7.51
C2B BCL K . -15.14 -4.64 8.82
C3B BCL K . -16.12 -4.85 9.75
C4B BCL K . -17.29 -5.05 9.04
CMB BCL K . -13.66 -4.35 8.97
CAB BCL K . -15.99 -4.82 11.23
OBB BCL K . -16.99 -5.05 11.95
CBB BCL K . -14.65 -4.51 11.83
NC BCL K . -19.99 -5.55 7.70
C1C BCL K . -19.75 -5.29 8.99
C2C BCL K . -20.99 -5.32 9.83
C3C BCL K . -22.06 -5.30 8.77
C4C BCL K . -21.30 -5.36 7.50
CMC BCL K . -21.08 -6.66 10.57
CAC BCL K . -22.93 -4.07 8.89
CBC BCL K . -23.55 -3.94 10.28
ND BCL K . -19.93 -5.18 4.87
C1D BCL K . -21.32 -5.34 5.03
C2D BCL K . -21.82 -4.89 3.78
C3D BCL K . -20.73 -4.56 2.95
C4D BCL K . -19.59 -4.72 3.67
CMD BCL K . -23.18 -4.78 3.21
CAD BCL K . -20.40 -4.12 1.68
OBD BCL K . -21.32 -3.79 0.67
CBD BCL K . -18.89 -3.97 1.59
CGD BCL K . -18.34 -4.69 0.40
O1D BCL K . -17.68 -5.73 0.59
O2D BCL K . -18.54 -4.23 -0.76
CED BCL K . -18.02 -4.82 -1.92
C1 BCL K . -14.35 -1.47 -1.85
C2 BCL K . -14.20 -0.10 -2.46
C3 BCL K . -15.22 0.66 -3.08
C4 BCL K . -16.51 0.05 -3.53
C5 BCL K . -15.01 2.15 -3.34
C6 BCL K . -14.95 2.46 -4.83
C7 BCL K . -14.47 3.90 -5.06
C8 BCL K . -14.13 4.35 -6.49
C9 BCL K . -14.28 3.27 -7.59
C10 BCL K . -14.90 5.63 -6.86
C11 BCL K . -14.70 6.81 -5.90
C12 BCL K . -14.41 8.11 -6.65
C13 BCL K . -15.28 9.33 -6.31
C14 BCL K . -16.68 8.98 -5.88
C15 BCL K . -14.60 10.15 -5.22
C16 BCL K . -15.12 11.59 -5.19
C17 BCL K . -14.17 12.61 -5.83
C18 BCL K . -13.41 13.42 -4.79
C19 BCL K . -12.66 12.53 -3.79
C20 BCL K . -12.43 14.39 -5.45
P PO4 L . -44.53 4.59 -7.69
O1 PO4 L . -44.01 3.37 -6.96
O2 PO4 L . -43.34 5.39 -8.18
O3 PO4 L . -45.37 4.14 -8.85
O4 PO4 L . -45.33 5.50 -6.79
C1 GOL M . 17.30 14.19 9.32
O1 GOL M . 17.12 14.98 10.48
C2 GOL M . 18.15 12.94 9.64
O2 GOL M . 18.38 12.16 8.47
C3 GOL M . 17.48 12.17 10.80
O3 GOL M . 18.27 12.14 11.98
C1 GOL N . -34.42 7.63 -16.60
O1 GOL N . -35.64 8.16 -17.06
C2 GOL N . -34.15 6.25 -17.21
O2 GOL N . -35.29 5.77 -17.90
C3 GOL N . -32.93 6.32 -18.15
O3 GOL N . -31.79 5.70 -17.57
MG BCL O . -10.40 -9.85 15.34
CHA BCL O . -10.80 -11.25 12.32
CHB BCL O . -7.57 -11.84 15.65
CHC BCL O . -9.66 -8.29 18.09
CHD BCL O . -13.21 -8.06 14.93
NA BCL O . -9.47 -11.32 14.25
C1A BCL O . -9.56 -11.47 12.89
C2A BCL O . -8.67 -12.56 12.38
C3A BCL O . -8.04 -13.09 13.65
C4A BCL O . -8.56 -12.24 14.76
CMA BCL O . -8.52 -14.52 13.83
CAA BCL O . -7.55 -11.96 11.52
CBA BCL O . -6.66 -10.91 12.25
CGA BCL O . -5.68 -10.24 11.29
O1A BCL O . -6.03 -10.22 9.90
O2A BCL O . -4.58 -9.71 11.71
NB BCL O . -8.79 -9.90 16.59
C1B BCL O . -7.74 -10.82 16.60
C2B BCL O . -6.89 -10.42 17.65
C3B BCL O . -7.37 -9.26 18.24
C4B BCL O . -8.54 -8.91 17.54
CMB BCL O . -5.70 -11.27 17.90
CAB BCL O . -6.74 -8.54 19.41
OBB BCL O . -5.79 -9.07 20.05
CBB BCL O . -7.29 -7.22 19.80
NC BCL O . -11.25 -8.33 16.41
C1C BCL O . -10.58 -7.61 17.30
C2C BCL O . -11.51 -6.58 17.95
C3C BCL O . -12.60 -6.47 16.91
C4C BCL O . -12.24 -7.54 15.91
CMC BCL O . -12.11 -6.96 19.32
CAC BCL O . -12.66 -5.07 16.33
CBC BCL O . -11.60 -4.79 15.26
ND BCL O . -11.60 -9.40 13.78
C1D BCL O . -12.70 -8.54 13.74
C2D BCL O . -13.44 -9.01 12.61
C3D BCL O . -12.69 -10.05 12.01
C4D BCL O . -11.59 -10.23 12.75
CMD BCL O . -14.74 -8.59 11.98
CAD BCL O . -12.70 -10.98 10.98
OBD BCL O . -13.64 -11.20 9.97
CBD BCL O . -11.42 -11.78 11.06
CGD BCL O . -11.71 -13.24 10.88
O1D BCL O . -11.62 -13.66 9.70
O2D BCL O . -12.07 -13.97 11.85
CED BCL O . -12.64 -15.25 11.60
C1 BCL O . -3.48 -9.37 10.86
C2 BCL O . -2.65 -10.57 10.43
C3 BCL O . -1.42 -10.94 11.01
C4 BCL O . -0.24 -11.27 10.15
C5 BCL O . -1.18 -11.07 12.51
C6 BCL O . -2.21 -11.96 13.23
C7 BCL O . -2.25 -13.47 12.90
C8 BCL O . -3.59 -14.17 13.21
C9 BCL O . -4.02 -15.04 12.02
C10 BCL O . -3.51 -15.04 14.46
C11 BCL O . -4.21 -14.48 15.69
C12 BCL O . -5.30 -15.40 16.25
C13 BCL O . -4.90 -16.88 16.40
C14 BCL O . -4.66 -17.19 17.87
C15 BCL O . -5.98 -17.77 15.78
C16 BCL O . -5.58 -19.23 15.52
C17 BCL O . -6.36 -20.26 16.36
C18 BCL O . -6.68 -21.63 15.73
C19 BCL O . -6.98 -21.56 14.23
C20 BCL O . -5.64 -22.71 16.06
MG BCL P . -16.36 -1.59 12.84
CHA BCL P . -13.69 -1.41 14.98
CHB BCL P . -14.26 -0.92 10.31
CHC BCL P . -18.78 -2.42 10.74
CHD BCL P . -18.32 -2.45 15.38
NA BCL P . -14.31 -1.27 12.68
C1A BCL P . -13.44 -0.93 13.72
C2A BCL P . -12.06 -0.64 13.20
C3A BCL P . -12.19 -0.87 11.70
C4A BCL P . -13.63 -1.25 11.48
CMA BCL P . -11.80 0.41 11.00
CAA BCL P . -10.93 -1.45 13.81
CBA BCL P . -9.63 -1.23 13.07
CGA BCL P . -8.58 -2.30 13.33
O1A BCL P . -7.43 -2.21 12.54
O2A BCL P . -8.66 -3.23 14.20
NB BCL P . -16.54 -1.53 10.84
C1B BCL P . -15.52 -1.38 9.93
C2B BCL P . -16.09 -1.47 8.66
C3B BCL P . -17.46 -1.71 8.79
C4B BCL P . -17.72 -1.70 10.15
CMB BCL P . -15.15 -1.28 7.51
CAB BCL P . -18.50 -1.87 7.71
OBB BCL P . -18.19 -1.98 6.50
CBB BCL P . -19.92 -1.87 8.13
NC BCL P . -18.25 -2.34 12.97
C1C BCL P . -19.17 -2.14 12.03
C2C BCL P . -20.52 -2.56 12.51
C3C BCL P . -20.28 -3.11 13.90
C4C BCL P . -18.81 -2.86 14.07
CMC BCL P . -21.35 -1.33 12.67
CAC BCL P . -20.50 -4.60 14.07
CBC BCL P . -21.63 -5.14 13.21
ND BCL P . -16.06 -2.14 14.76
C1D BCL P . -16.98 -2.68 15.65
C2D BCL P . -16.34 -2.63 16.90
C3D BCL P . -15.05 -2.15 16.65
C4D BCL P . -14.93 -1.87 15.35
CMD BCL P . -16.75 -3.01 18.30
CAD BCL P . -13.86 -1.86 17.27
OBD BCL P . -13.59 -1.97 18.63
CBD BCL P . -12.90 -1.31 16.23
CGD BCL P . -12.84 0.15 16.44
O1D BCL P . -11.78 0.75 16.37
O2D BCL P . -13.89 0.80 16.68
CED BCL P . -13.87 2.17 17.01
C1 BCL P . -7.73 -4.31 14.27
C2 BCL P . -6.55 -3.98 15.15
C3 BCL P . -6.49 -4.35 16.50
C4 BCL P . -7.68 -4.90 17.18
C5 BCL P . -5.25 -4.17 17.35
C6 BCL P . -4.23 -5.30 17.31
C7 BCL P . -3.59 -5.34 18.70
C8 BCL P . -2.24 -6.06 18.79
C9 BCL P . -1.58 -5.84 20.14
C10 BCL P . -2.44 -7.54 18.46
C11 BCL P . -1.64 -8.52 19.29
C12 BCL P . -1.63 -9.84 18.53
C13 BCL P . -0.94 -11.00 19.23
C14 BCL P . -1.14 -10.97 20.73
C15 BCL P . -1.47 -12.29 18.61
C16 BCL P . -0.31 -12.94 17.88
C17 BCL P . -0.76 -13.75 16.67
C18 BCL P . 0.34 -13.90 15.59
C19 BCL P . 1.75 -14.10 16.16
C20 BCL P . 0.02 -15.01 14.58
N1 LDA Q . -17.00 11.33 10.13
O1 LDA Q . -16.17 11.74 10.99
CM1 LDA Q . -17.21 9.89 10.30
CM2 LDA Q . -18.31 11.93 10.50
C1 LDA Q . -16.63 11.66 8.73
C2 LDA Q . -15.29 11.11 8.16
C3 LDA Q . -14.88 11.94 6.92
C4 LDA Q . -13.70 11.38 6.11
C5 LDA Q . -12.52 12.34 5.95
C6 LDA Q . -11.24 11.71 5.36
C7 LDA Q . -9.93 12.02 6.08
C8 LDA Q . -8.67 11.29 5.53
C9 LDA Q . -7.44 12.24 5.32
C10 LDA Q . -6.03 11.72 4.94
C11 LDA Q . -4.99 12.13 5.99
C12 LDA Q . -3.82 11.17 6.28
N1 LDA R . 7.67 -18.14 -13.05
O1 LDA R . 8.80 -17.63 -13.32
CM1 LDA R . 6.68 -17.53 -13.97
CM2 LDA R . 7.80 -19.60 -13.36
C1 LDA R . 7.37 -17.91 -11.62
C2 LDA R . 5.94 -18.27 -11.16
C3 LDA R . 5.47 -17.49 -9.94
C4 LDA R . 5.38 -18.29 -8.62
C5 LDA R . 4.48 -17.64 -7.54
C6 LDA R . 4.59 -18.24 -6.13
C7 LDA R . 4.45 -17.18 -5.04
C8 LDA R . 4.21 -17.72 -3.63
C9 LDA R . 4.93 -16.84 -2.60
C10 LDA R . 4.10 -16.46 -1.35
C11 LDA R . 4.79 -15.36 -0.49
C12 LDA R . 3.90 -14.36 0.27
N1 LDA S . 0.78 22.61 -4.59
O1 LDA S . 1.36 22.25 -5.66
CM1 LDA S . 1.73 22.75 -3.46
CM2 LDA S . 0.07 23.89 -4.80
C1 LDA S . -0.18 21.56 -4.28
C2 LDA S . -1.29 22.08 -3.36
C3 LDA S . -1.64 21.02 -2.30
C4 LDA S . -2.73 20.07 -2.77
C5 LDA S . -3.60 19.69 -1.60
C6 LDA S . -2.78 18.97 -0.55
C7 LDA S . -3.70 18.14 0.35
C8 LDA S . -5.13 18.01 -0.17
C9 LDA S . -5.59 16.56 0.01
C10 LDA S . -5.50 16.03 1.46
C11 LDA S . -5.49 14.50 1.47
C12 LDA S . -6.27 13.92 2.65
N1 LDA T . -4.05 23.00 -7.09
O1 LDA T . -3.84 24.21 -6.87
CM1 LDA T . -5.26 22.92 -7.93
CM2 LDA T . -2.86 22.54 -7.82
C1 LDA T . -4.21 22.34 -5.78
C2 LDA T . -4.45 20.81 -5.86
C3 LDA T . -5.63 20.37 -4.97
C4 LDA T . -5.48 18.97 -4.40
C5 LDA T . -6.77 18.15 -4.53
C6 LDA T . -7.64 18.20 -3.29
C7 LDA T . -9.12 18.35 -3.66
C8 LDA T . -9.98 18.95 -2.54
C9 LDA T . -11.02 17.93 -2.06
C10 LDA T . -10.66 17.31 -0.71
C11 LDA T . -11.12 15.84 -0.59
C12 LDA T . -10.83 15.25 0.80
N1 LDA U . 17.13 -22.23 12.44
O1 LDA U . 17.99 -21.50 13.01
CM1 LDA U . 17.76 -22.94 11.30
CM2 LDA U . 16.65 -23.29 13.37
C1 LDA U . 15.98 -21.46 11.96
C2 LDA U . 15.91 -20.07 12.60
C3 LDA U . 15.24 -19.03 11.69
C4 LDA U . 13.72 -19.08 11.80
C5 LDA U . 13.01 -18.14 10.83
C6 LDA U . 11.63 -17.85 11.39
C7 LDA U . 10.71 -17.18 10.37
C8 LDA U . 9.39 -16.79 11.02
C9 LDA U . 8.77 -15.52 10.41
C10 LDA U . 7.28 -15.35 10.71
C11 LDA U . 6.74 -14.04 10.12
C12 LDA U . 5.87 -13.31 11.14
N1 LDA V . 16.02 -21.10 17.66
O1 LDA V . 16.56 -21.49 16.60
CM1 LDA V . 15.47 -22.26 18.41
CM2 LDA V . 17.09 -20.50 18.48
C1 LDA V . 14.98 -20.08 17.38
C2 LDA V . 13.78 -20.67 16.62
C3 LDA V . 13.01 -19.66 15.77
C4 LDA V . 11.67 -19.27 16.41
C5 LDA V . 10.83 -18.35 15.50
C6 LDA V . 10.11 -17.25 16.32
C7 LDA V . 9.49 -16.19 15.41
C8 LDA V . 8.54 -15.25 16.15
C9 LDA V . 7.84 -14.29 15.19
C10 LDA V . 6.32 -14.28 15.34
C11 LDA V . 5.71 -12.89 15.20
C12 LDA V . 5.14 -12.50 16.55
FE FE W . 7.93 2.68 -0.16
O1D BPH X . 6.31 -7.02 15.44
CGD BPH X . 5.26 -6.45 14.71
O2D BPH X . 5.08 -6.74 13.51
CED BPH X . 6.04 -7.37 12.73
CBD BPH X . 4.41 -5.48 15.46
CHA BPH X . 2.92 -5.65 15.42
C4D BPH X . 2.36 -4.39 15.14
C3D BPH X . 3.35 -3.47 14.94
CAD BPH X . 4.59 -4.11 14.90
OBD BPH X . 5.74 -3.51 15.40
C2D BPH X . 2.71 -2.46 14.07
CMD BPH X . 3.41 -1.12 13.86
C1D BPH X . 1.40 -2.85 13.95
ND BPH X . 1.18 -4.05 14.56
CHD BPH X . 0.30 -2.13 13.17
C4C BPH X . -1.14 -2.44 13.21
C3C BPH X . -2.25 -1.77 12.43
CAC BPH X . -2.66 -0.41 12.99
CBC BPH X . -1.50 0.56 12.90
C2C BPH X . -3.42 -2.72 12.70
CMC BPH X . -4.22 -3.02 11.44
C1C BPH X . -2.69 -3.86 13.33
NC BPH X . -1.57 -3.44 13.92
CHC BPH X . -3.02 -5.29 13.21
C4B BPH X . -3.08 -6.32 14.31
C3B BPH X . -3.78 -7.49 13.97
CAB BPH X . -5.28 -7.45 13.88
CBB BPH X . -5.87 -6.73 12.73
OBB BPH X . -6.03 -8.06 14.89
C2B BPH X . -3.06 -8.62 14.35
CMB BPH X . -3.70 -9.79 15.05
C1B BPH X . -1.89 -8.04 14.85
NB BPH X . -1.88 -6.69 14.84
CHB BPH X . -0.74 -8.80 15.44
C4A BPH X . 0.64 -8.32 15.43
C3A BPH X . 1.86 -9.20 15.60
CMA BPH X . 2.27 -9.81 14.26
C2A BPH X . 2.85 -8.18 16.16
C1A BPH X . 2.26 -6.87 15.63
NA BPH X . 0.98 -7.03 15.30
CAA BPH X . 2.76 -8.22 17.69
CBA BPH X . 3.64 -9.34 18.20
CGA BPH X . 3.30 -9.77 19.60
O1A BPH X . 2.74 -8.82 20.48
O2A BPH X . 3.50 -10.96 19.96
C1 BPH X . 4.06 -11.36 21.20
C2 BPH X . 3.56 -12.72 21.62
C3 BPH X . 3.71 -13.95 20.82
C4 BPH X . 4.93 -14.14 19.98
C5 BPH X . 2.60 -14.99 20.88
C6 BPH X . 2.81 -16.24 20.00
C7 BPH X . 1.51 -17.07 19.87
C8 BPH X . 1.38 -17.82 18.54
C9 BPH X . -0.09 -18.03 18.18
C10 BPH X . 2.16 -19.16 18.58
C11 BPH X . 2.73 -19.72 17.26
C12 BPH X . 4.02 -19.10 16.70
C13 BPH X . 5.26 -19.19 17.62
C14 BPH X . 5.69 -17.77 18.00
C15 BPH X . 6.39 -20.04 16.97
C16 BPH X . 7.53 -20.45 17.93
C17 BPH X . 7.97 -21.92 17.79
C18 BPH X . 8.72 -22.46 19.03
C19 BPH X . 10.23 -22.58 18.83
C20 BPH X . 8.12 -23.77 19.57
C1 U10 Y . 2.56 8.19 -4.44
C2 U10 Y . 3.86 7.62 -4.55
C3 U10 Y . 4.99 8.44 -4.84
C4 U10 Y . 4.80 9.85 -5.02
C5 U10 Y . 3.49 10.39 -4.92
C6 U10 Y . 2.37 9.57 -4.64
C1M U10 Y . 1.38 7.31 -4.15
C3M U10 Y . 7.06 7.60 -4.20
C4M U10 Y . 6.89 10.93 -5.01
C7 U10 Y . 0.99 10.21 -4.50
C8 U10 Y . 0.52 10.13 -3.08
C9 U10 Y . 0.27 11.29 -2.23
C10 U10 Y . 0.40 12.68 -2.79
C11 U10 Y . -0.10 11.12 -0.76
C12 U10 Y . -1.43 11.77 -0.35
C13 U10 Y . -2.51 10.94 -1.00
C14 U10 Y . -3.79 10.51 -0.38
C15 U10 Y . -4.02 10.60 1.11
C16 U10 Y . -4.86 9.93 -1.30
C17 U10 Y . -6.18 10.70 -1.27
C18 U10 Y . -6.31 11.64 -2.46
C19 U10 Y . -7.09 12.88 -2.27
C20 U10 Y . -7.70 13.19 -0.94
C21 U10 Y . -7.31 13.92 -3.34
C22 U10 Y . -7.60 13.30 -4.69
C23 U10 Y . -8.63 14.14 -5.38
C24 U10 Y . -8.55 14.37 -6.82
C25 U10 Y . -8.49 13.17 -7.72
C26 U10 Y . -8.54 15.81 -7.33
C27 U10 Y . -9.70 16.15 -8.24
C28 U10 Y . -9.46 17.49 -8.87
C29 U10 Y . -10.30 17.92 -10.00
C30 U10 Y . -10.81 19.35 -9.98
C31 U10 Y . -10.61 16.89 -11.12
C32 U10 Y . -11.67 17.16 -12.23
C33 U10 Y . -11.24 16.55 -13.58
C34 U10 Y . -9.86 16.74 -14.12
C35 U10 Y . -8.74 17.29 -13.25
C36 U10 Y . -9.55 16.41 -15.57
C37 U10 Y . -8.73 17.54 -16.19
C38 U10 Y . -9.67 18.36 -17.05
C39 U10 Y . -9.91 19.82 -16.97
C40 U10 Y . -9.74 20.59 -15.66
C41 U10 Y . -10.35 20.50 -18.26
O2 U10 Y . 4.08 6.47 -4.12
O3 U10 Y . 6.08 7.91 -5.19
O4 U10 Y . 5.66 10.52 -5.59
O5 U10 Y . 3.30 11.57 -5.19
CM1 SPO Z . -3.79 -28.14 19.33
O1 SPO Z . -3.87 -27.83 20.74
C1 SPO Z . -2.91 -27.02 21.48
C2 SPO Z . -1.50 -27.62 21.45
C3 SPO Z . -3.37 -26.90 22.94
C4 SPO Z . -2.79 -25.60 20.91
C5 SPO Z . -4.09 -25.00 20.44
C6 SPO Z . -4.74 -23.92 21.21
C7 SPO Z . -5.82 -23.10 20.61
C8 SPO Z . -6.73 -23.71 19.57
C9 SPO Z . -5.98 -21.69 21.02
C10 SPO Z . -6.56 -20.67 20.13
C11 SPO Z . -6.61 -19.30 20.64
C12 SPO Z . -7.53 -18.22 20.18
C13 SPO Z . -8.74 -18.47 19.30
C14 SPO Z . -7.24 -16.85 20.62
C15 SPO Z . -7.73 -15.76 19.80
C16 SPO Z . -8.76 -14.92 20.36
C17 SPO Z . -8.94 -13.57 19.85
C18 SPO Z . -9.70 -13.39 18.57
C19 SPO Z . -8.39 -12.43 20.60
C20 SPO Z . -8.86 -11.09 20.31
C21 SPO Z . -9.13 -10.15 21.38
C22 SPO Z . -8.10 -9.81 22.35
C23 SPO Z . -8.21 -8.58 23.15
C24 SPO Z . -8.78 -7.33 22.55
C25 SPO Z . -7.75 -8.62 24.56
C26 SPO Z . -6.75 -7.73 25.12
C27 SPO Z . -6.04 -8.13 26.32
C28 SPO Z . -5.29 -7.14 27.12
C29 SPO Z . -5.22 -5.72 26.64
C30 SPO Z . -4.58 -7.54 28.41
C31 SPO Z . -5.57 -7.66 29.56
C32 SPO Z . -4.92 -7.46 30.91
C33 SPO Z . -5.43 -8.13 32.12
C34 SPO Z . -6.90 -8.36 32.23
C35 SPO Z . -4.50 -8.60 33.25
C36 SPO Z . -4.62 -7.79 34.55
C37 SPO Z . -3.42 -8.01 35.47
C38 SPO Z . -2.37 -6.97 35.77
C39 SPO Z . -1.40 -6.51 34.68
C40 SPO Z . -2.25 -6.38 37.16
C1 GOL AA . -18.09 16.04 7.92
O1 GOL AA . -18.01 16.11 9.33
C2 GOL AA . -19.44 15.50 7.41
O2 GOL AA . -19.72 16.01 6.12
C3 GOL AA . -19.54 13.96 7.47
O3 GOL AA . -18.59 13.31 6.64
#